data_3I09
#
_entry.id   3I09
#
_cell.length_a   58.255
_cell.length_b   81.151
_cell.length_c   73.996
_cell.angle_alpha   90.000
_cell.angle_beta   92.860
_cell.angle_gamma   90.000
#
_symmetry.space_group_name_H-M   'P 1 21 1'
#
loop_
_entity.id
_entity.type
_entity.pdbx_description
1 polymer 'Periplasmic branched-chain amino acid-binding protein'
2 non-polymer 'ACETOACETIC ACID'
3 non-polymer 'CITRIC ACID'
4 non-polymer 1,2-ETHANEDIOL
5 water water
#
_entity_poly.entity_id   1
_entity_poly.type   'polypeptide(L)'
_entity_poly.pdbx_seq_one_letter_code
;GADSVKIGFITD(MSE)SGLYADIDGQGGLEAIK(MSE)AVADFGGKVNGKPIEVVYADHQNKADIAASKAREW(MSE)D
RGGLDLLVGGTNSATALS(MSE)NQVAAEKKKVYINIGAGADTLTNEQCTPYTVHYAYDT(MSE)ALAKGTGSAVVKQGG
KTWFFLTADYAFGKALEKNTADVVKANGGKVLGEVRHPLSASDFSSFLLQAQSSKAQILGLANAGGDTVNAIKAAKEFGI
TKT(MSE)KLAALL(MSE)FINDVHALGLETTQGLVLTDSWYWNRDQASRQWAQRYFAK(MSE)KK(MSE)PSSLQAADY
SSVTTYLKAVQAAGSTDSDKV(MSE)AQLKK(MSE)KIDDFYAKGYIRTDGS(MSE)IHD(MSE)YL(MSE)EVKKPSES
KEPWDYYKVVATIPGEQAFTTKQETRCALWK
;
_entity_poly.pdbx_strand_id   A,B
#
# COMPACT_ATOMS: atom_id res chain seq x y z
N GLY A 1 -17.61 20.31 2.33
CA GLY A 1 -18.45 20.02 1.11
C GLY A 1 -19.88 20.44 1.34
N ALA A 2 -20.73 20.23 0.35
CA ALA A 2 -22.16 20.58 0.48
C ALA A 2 -22.86 19.73 1.55
N ASP A 3 -22.67 18.43 1.52
CA ASP A 3 -23.39 17.53 2.43
C ASP A 3 -22.58 17.15 3.70
N SER A 4 -21.26 17.31 3.64
CA SER A 4 -20.40 16.80 4.69
C SER A 4 -19.30 17.79 5.03
N VAL A 5 -18.76 17.66 6.24
CA VAL A 5 -17.52 18.31 6.62
C VAL A 5 -16.40 17.31 6.33
N LYS A 6 -15.53 17.68 5.42
CA LYS A 6 -14.55 16.74 4.89
C LYS A 6 -13.13 17.01 5.40
N ILE A 7 -12.58 15.99 6.05
CA ILE A 7 -11.18 16.03 6.55
C ILE A 7 -10.32 15.12 5.66
N GLY A 8 -9.21 15.64 5.15
CA GLY A 8 -8.32 14.84 4.33
C GLY A 8 -6.97 14.73 5.01
N PHE A 9 -6.39 13.52 4.97
CA PHE A 9 -5.14 13.23 5.61
C PHE A 9 -4.19 12.69 4.56
N ILE A 10 -3.04 13.32 4.45
CA ILE A 10 -2.01 12.92 3.47
C ILE A 10 -0.69 12.72 4.16
N THR A 11 -0.16 11.50 4.08
CA THR A 11 1.05 11.14 4.78
C THR A 11 1.73 9.99 4.08
N ASP A 12 2.91 9.64 4.55
CA ASP A 12 3.62 8.45 4.02
C ASP A 12 2.99 7.20 4.65
N SER A 14 3.55 4.09 3.23
CA SER A 14 4.27 2.93 2.68
C SER A 14 5.78 2.88 2.85
N GLY A 15 6.43 3.99 3.18
CA GLY A 15 7.89 4.06 3.23
C GLY A 15 8.44 4.21 4.65
N LEU A 16 9.55 4.92 4.77
CA LEU A 16 10.35 4.95 5.99
C LEU A 16 9.66 5.66 7.18
N TYR A 17 8.57 6.40 6.91
CA TYR A 17 7.81 7.09 7.97
C TYR A 17 6.44 6.46 8.30
N ALA A 18 6.14 5.30 7.72
CA ALA A 18 4.80 4.70 7.85
C ALA A 18 4.51 4.30 9.30
N ASP A 19 5.50 3.77 10.01
CA ASP A 19 5.25 3.24 11.35
C ASP A 19 4.99 4.33 12.34
N ILE A 20 5.68 5.46 12.20
CA ILE A 20 5.56 6.54 13.20
C ILE A 20 4.26 7.36 13.00
N ASP A 21 3.62 7.25 11.84
CA ASP A 21 2.41 8.00 11.52
C ASP A 21 1.54 7.08 10.67
N GLY A 22 1.54 7.28 9.35
CA GLY A 22 0.91 6.28 8.46
C GLY A 22 -0.52 5.89 8.80
N GLN A 23 -0.83 4.60 8.62
CA GLN A 23 -2.16 4.06 8.86
C GLN A 23 -2.61 4.29 10.31
N GLY A 24 -1.67 4.23 11.24
CA GLY A 24 -1.96 4.48 12.66
C GLY A 24 -2.48 5.88 12.89
N GLY A 25 -1.91 6.81 12.18
CA GLY A 25 -2.34 8.21 12.23
C GLY A 25 -3.74 8.37 11.70
N LEU A 26 -4.03 7.67 10.59
CA LEU A 26 -5.38 7.66 10.01
C LEU A 26 -6.39 7.10 11.00
N GLU A 27 -6.02 5.98 11.64
CA GLU A 27 -6.88 5.39 12.66
C GLU A 27 -7.19 6.38 13.82
N ALA A 28 -6.16 7.09 14.27
CA ALA A 28 -6.30 8.09 15.33
C ALA A 28 -7.23 9.24 14.91
N ILE A 29 -7.12 9.67 13.66
CA ILE A 29 -8.03 10.67 13.10
C ILE A 29 -9.48 10.19 13.09
N LYS A 30 -9.71 8.97 12.62
CA LYS A 30 -11.05 8.42 12.61
C LYS A 30 -11.60 8.26 14.02
N ALA A 32 -10.89 10.19 16.61
CA ALA A 32 -11.24 11.56 17.03
C ALA A 32 -12.60 11.99 16.43
N VAL A 33 -12.82 11.67 15.18
CA VAL A 33 -14.11 11.99 14.52
C VAL A 33 -15.26 11.27 15.22
N ALA A 34 -15.10 9.97 15.41
CA ALA A 34 -16.12 9.18 16.09
C ALA A 34 -16.34 9.69 17.50
N ASP A 35 -15.25 9.97 18.23
CA ASP A 35 -15.41 10.43 19.62
C ASP A 35 -16.14 11.77 19.76
N PHE A 36 -15.99 12.63 18.75
CA PHE A 36 -16.64 13.94 18.71
C PHE A 36 -18.16 13.80 18.42
N GLY A 37 -18.56 12.61 17.97
CA GLY A 37 -19.95 12.30 17.61
C GLY A 37 -20.22 12.15 16.13
N GLY A 38 -19.20 12.21 15.29
CA GLY A 38 -19.35 11.89 13.86
C GLY A 38 -19.99 12.96 13.00
N LYS A 39 -20.38 14.09 13.63
CA LYS A 39 -20.95 15.21 12.90
C LYS A 39 -20.58 16.50 13.59
N VAL A 40 -20.70 17.61 12.86
CA VAL A 40 -20.50 18.92 13.43
C VAL A 40 -21.32 19.89 12.58
N ASN A 41 -21.88 20.89 13.24
CA ASN A 41 -22.83 21.82 12.61
C ASN A 41 -23.92 21.15 11.80
N GLY A 42 -24.43 20.05 12.34
CA GLY A 42 -25.47 19.30 11.69
C GLY A 42 -25.07 18.50 10.46
N LYS A 43 -23.78 18.44 10.13
CA LYS A 43 -23.32 17.71 8.94
C LYS A 43 -22.44 16.56 9.34
N PRO A 44 -22.59 15.42 8.66
CA PRO A 44 -21.67 14.31 8.94
C PRO A 44 -20.27 14.68 8.55
N ILE A 45 -19.32 14.15 9.31
CA ILE A 45 -17.90 14.31 9.02
C ILE A 45 -17.38 13.14 8.25
N GLU A 46 -16.75 13.42 7.11
CA GLU A 46 -16.13 12.36 6.30
C GLU A 46 -14.62 12.52 6.25
N VAL A 47 -13.91 11.40 6.35
CA VAL A 47 -12.46 11.39 6.30
C VAL A 47 -12.03 10.74 4.97
N VAL A 48 -11.18 11.43 4.26
CA VAL A 48 -10.48 10.91 3.11
C VAL A 48 -8.97 10.91 3.37
N TYR A 49 -8.25 10.03 2.66
CA TYR A 49 -6.82 9.92 2.89
C TYR A 49 -6.06 9.54 1.64
N ALA A 50 -4.76 9.78 1.64
CA ALA A 50 -3.92 9.39 0.53
C ALA A 50 -2.51 9.15 1.02
N ASP A 51 -1.82 8.23 0.35
CA ASP A 51 -0.38 7.96 0.59
C ASP A 51 0.39 8.84 -0.37
N HIS A 52 1.17 9.79 0.13
CA HIS A 52 1.98 10.63 -0.77
C HIS A 52 3.25 9.96 -1.29
N GLN A 53 3.57 8.81 -0.73
CA GLN A 53 4.75 8.05 -1.17
CA GLN A 53 4.75 8.04 -1.15
C GLN A 53 6.03 8.89 -1.09
N ASN A 54 6.07 9.84 -0.16
CA ASN A 54 7.21 10.76 -0.04
C ASN A 54 7.54 11.56 -1.30
N LYS A 55 6.46 11.92 -2.02
CA LYS A 55 6.54 12.74 -3.21
C LYS A 55 5.74 14.03 -2.99
N ALA A 56 6.45 15.16 -3.00
CA ALA A 56 5.78 16.46 -2.78
C ALA A 56 4.72 16.72 -3.84
N ASP A 57 5.00 16.32 -5.08
CA ASP A 57 4.03 16.57 -6.16
C ASP A 57 2.74 15.78 -5.99
N ILE A 58 2.84 14.54 -5.52
CA ILE A 58 1.64 13.73 -5.25
C ILE A 58 0.78 14.38 -4.17
N ALA A 59 1.45 14.87 -3.14
CA ALA A 59 0.80 15.45 -1.97
C ALA A 59 0.03 16.71 -2.38
N ALA A 60 0.71 17.57 -3.13
CA ALA A 60 0.16 18.85 -3.57
C ALA A 60 -0.98 18.62 -4.58
N SER A 61 -0.81 17.70 -5.55
CA SER A 61 -1.88 17.40 -6.49
CA SER A 61 -1.89 17.41 -6.49
CA SER A 61 -1.88 17.36 -6.50
C SER A 61 -3.13 16.82 -5.79
N LYS A 62 -2.95 15.91 -4.84
CA LYS A 62 -4.11 15.38 -4.09
CA LYS A 62 -4.11 15.38 -4.11
C LYS A 62 -4.81 16.47 -3.31
N ALA A 63 -4.04 17.30 -2.60
CA ALA A 63 -4.62 18.40 -1.84
C ALA A 63 -5.47 19.32 -2.72
N ARG A 64 -4.90 19.68 -3.87
CA ARG A 64 -5.54 20.60 -4.81
CA ARG A 64 -5.55 20.59 -4.82
C ARG A 64 -6.87 20.01 -5.31
N GLU A 65 -6.84 18.75 -5.75
CA GLU A 65 -8.02 18.05 -6.18
C GLU A 65 -9.10 18.00 -5.09
N TRP A 66 -8.74 17.61 -3.87
CA TRP A 66 -9.73 17.58 -2.81
C TRP A 66 -10.33 18.98 -2.52
N ASP A 68 -10.55 21.57 -4.64
CA ASP A 68 -11.25 22.12 -5.81
C ASP A 68 -12.51 21.36 -6.15
N ARG A 69 -12.50 20.03 -5.97
CA ARG A 69 -13.55 19.11 -6.43
C ARG A 69 -14.07 18.16 -5.39
N GLY A 70 -13.51 18.19 -4.19
CA GLY A 70 -13.88 17.22 -3.16
C GLY A 70 -14.47 17.84 -1.93
N GLY A 71 -14.65 19.16 -1.96
CA GLY A 71 -15.26 19.85 -0.83
C GLY A 71 -14.47 19.81 0.47
N LEU A 72 -13.15 19.77 0.38
CA LEU A 72 -12.31 19.66 1.57
C LEU A 72 -12.47 20.84 2.49
N ASP A 73 -12.62 20.56 3.78
CA ASP A 73 -12.69 21.59 4.81
C ASP A 73 -11.41 21.71 5.67
N LEU A 74 -10.81 20.57 5.98
CA LEU A 74 -9.51 20.51 6.69
C LEU A 74 -8.55 19.59 5.95
N LEU A 75 -7.33 20.07 5.74
CA LEU A 75 -6.19 19.25 5.30
C LEU A 75 -5.27 19.02 6.48
N VAL A 76 -5.10 17.74 6.83
CA VAL A 76 -4.17 17.32 7.85
C VAL A 76 -2.93 16.81 7.15
N GLY A 77 -1.81 17.47 7.42
CA GLY A 77 -0.53 17.15 6.82
C GLY A 77 0.21 16.15 7.69
N GLY A 78 0.68 15.07 7.08
CA GLY A 78 1.46 14.07 7.81
C GLY A 78 2.96 14.30 7.68
N THR A 79 3.68 13.21 7.50
CA THR A 79 5.13 13.23 7.52
C THR A 79 5.71 13.79 6.20
N ASN A 80 6.99 14.13 6.26
CA ASN A 80 7.81 14.56 5.14
C ASN A 80 7.67 16.07 4.86
N SER A 81 8.70 16.83 5.24
CA SER A 81 8.65 18.29 5.14
C SER A 81 8.56 18.80 3.70
N ALA A 82 9.08 18.04 2.71
CA ALA A 82 8.93 18.47 1.31
C ALA A 82 7.43 18.45 0.95
N THR A 83 6.73 17.39 1.37
CA THR A 83 5.27 17.32 1.14
C THR A 83 4.54 18.36 1.96
N ALA A 84 5.01 18.63 3.18
CA ALA A 84 4.35 19.61 4.04
C ALA A 84 4.34 20.99 3.38
N LEU A 85 5.48 21.35 2.79
CA LEU A 85 5.66 22.65 2.13
C LEU A 85 4.93 22.77 0.82
N SER A 86 4.86 21.70 0.04
CA SER A 86 4.08 21.75 -1.21
C SER A 86 2.58 21.90 -0.90
N ASN A 88 1.32 23.18 1.92
CA ASN A 88 1.19 24.52 2.52
C ASN A 88 0.91 25.59 1.49
N GLN A 89 1.65 25.55 0.38
CA GLN A 89 1.44 26.51 -0.69
C GLN A 89 0.04 26.41 -1.29
N VAL A 90 -0.43 25.19 -1.54
CA VAL A 90 -1.77 24.97 -2.06
C VAL A 90 -2.83 25.46 -1.07
N ALA A 91 -2.70 25.12 0.20
CA ALA A 91 -3.64 25.60 1.22
C ALA A 91 -3.67 27.12 1.31
N ALA A 92 -2.52 27.76 1.24
CA ALA A 92 -2.48 29.23 1.36
C ALA A 92 -3.17 29.89 0.16
N GLU A 93 -2.88 29.37 -1.02
CA GLU A 93 -3.48 29.89 -2.26
C GLU A 93 -5.01 29.75 -2.27
N LYS A 94 -5.51 28.59 -1.83
CA LYS A 94 -6.95 28.31 -1.86
C LYS A 94 -7.67 28.77 -0.59
N LYS A 95 -6.91 29.29 0.38
CA LYS A 95 -7.47 29.77 1.67
C LYS A 95 -8.22 28.66 2.40
N LYS A 96 -7.52 27.54 2.62
CA LYS A 96 -8.11 26.39 3.29
C LYS A 96 -7.29 26.07 4.51
N VAL A 97 -7.98 25.66 5.58
CA VAL A 97 -7.31 25.33 6.83
C VAL A 97 -6.41 24.08 6.71
N TYR A 98 -5.16 24.26 7.11
CA TYR A 98 -4.13 23.27 6.96
C TYR A 98 -3.43 23.08 8.32
N ILE A 99 -3.54 21.88 8.88
CA ILE A 99 -2.86 21.57 10.11
C ILE A 99 -1.84 20.49 9.83
N ASN A 100 -0.57 20.82 10.02
CA ASN A 100 0.51 19.86 9.84
C ASN A 100 1.00 19.27 11.16
N ILE A 101 0.99 17.94 11.24
CA ILE A 101 1.49 17.23 12.42
C ILE A 101 2.84 16.55 12.17
N GLY A 102 2.92 15.73 11.11
CA GLY A 102 4.03 14.82 11.00
C GLY A 102 5.37 15.43 10.60
N ALA A 103 5.33 16.60 9.94
CA ALA A 103 6.52 17.21 9.38
C ALA A 103 7.12 18.19 10.36
N GLY A 104 8.44 18.31 10.32
CA GLY A 104 9.16 19.15 11.25
C GLY A 104 9.67 20.49 10.83
N ALA A 105 9.89 20.73 9.54
CA ALA A 105 10.63 21.93 9.16
C ALA A 105 10.00 23.20 9.72
N ASP A 106 10.81 23.98 10.44
CA ASP A 106 10.32 25.26 11.00
C ASP A 106 9.99 26.33 9.94
N THR A 107 10.38 26.05 8.68
CA THR A 107 10.02 26.85 7.53
C THR A 107 8.50 27.14 7.48
N LEU A 108 7.71 26.15 7.92
CA LEU A 108 6.27 26.23 7.90
C LEU A 108 5.69 27.39 8.70
N THR A 109 6.44 27.90 9.69
CA THR A 109 5.98 29.02 10.51
C THR A 109 6.95 30.19 10.45
N ASN A 110 7.79 30.19 9.42
CA ASN A 110 8.86 31.16 9.27
C ASN A 110 8.85 31.66 7.84
N GLU A 111 9.82 31.27 7.02
CA GLU A 111 9.89 31.78 5.64
C GLU A 111 8.62 31.50 4.82
N GLN A 112 7.92 30.40 5.13
CA GLN A 112 6.72 30.01 4.40
C GLN A 112 5.48 30.01 5.28
N CYS A 113 5.44 30.91 6.27
CA CYS A 113 4.28 31.02 7.12
C CYS A 113 3.09 31.55 6.32
N THR A 114 1.90 31.12 6.72
CA THR A 114 0.68 31.54 6.04
C THR A 114 -0.38 31.78 7.13
N PRO A 115 -1.43 32.52 6.79
CA PRO A 115 -2.53 32.72 7.68
C PRO A 115 -3.46 31.54 7.84
N TYR A 116 -3.22 30.46 7.09
CA TYR A 116 -4.05 29.27 7.11
C TYR A 116 -3.37 28.02 7.62
N THR A 117 -2.17 28.16 8.20
CA THR A 117 -1.32 27.03 8.58
C THR A 117 -1.21 26.91 10.09
N VAL A 118 -1.35 25.70 10.60
CA VAL A 118 -1.06 25.40 11.97
C VAL A 118 0.02 24.31 11.98
N HIS A 119 1.07 24.52 12.79
CA HIS A 119 2.11 23.51 12.95
C HIS A 119 1.96 22.97 14.37
N TYR A 120 1.44 21.75 14.46
CA TYR A 120 0.77 21.33 15.66
C TYR A 120 1.61 20.62 16.72
N ALA A 121 2.54 19.76 16.30
CA ALA A 121 3.18 18.80 17.22
C ALA A 121 4.60 19.12 17.67
N TYR A 122 5.45 19.48 16.73
CA TYR A 122 6.87 19.74 16.98
C TYR A 122 7.42 20.50 15.79
N ASP A 123 8.60 21.09 15.92
CA ASP A 123 9.34 21.54 14.74
C ASP A 123 10.83 21.44 14.97
N THR A 124 11.59 21.72 13.93
CA THR A 124 13.04 21.58 14.02
C THR A 124 13.73 22.58 14.94
N ALA A 126 12.42 23.48 17.96
CA ALA A 126 12.26 22.83 19.25
C ALA A 126 13.21 21.66 19.41
N LEU A 127 13.41 20.85 18.36
CA LEU A 127 14.39 19.75 18.40
C LEU A 127 15.79 20.22 18.71
N ALA A 128 16.19 21.27 17.99
CA ALA A 128 17.51 21.87 18.15
C ALA A 128 17.71 22.46 19.54
N LYS A 129 16.76 23.25 19.98
CA LYS A 129 16.82 23.87 21.28
C LYS A 129 16.78 22.85 22.40
N GLY A 130 16.07 21.73 22.23
CA GLY A 130 16.08 20.72 23.25
C GLY A 130 17.37 19.91 23.31
N THR A 131 17.51 19.06 22.31
CA THR A 131 18.59 18.08 22.23
C THR A 131 19.94 18.73 21.96
N GLY A 132 19.96 19.67 21.03
CA GLY A 132 21.19 20.42 20.75
C GLY A 132 21.75 21.11 21.98
N SER A 133 20.94 21.92 22.66
CA SER A 133 21.39 22.62 23.87
C SER A 133 21.87 21.68 24.93
N ALA A 134 21.12 20.61 25.14
CA ALA A 134 21.38 19.66 26.21
C ALA A 134 22.74 18.95 25.99
N VAL A 135 22.98 18.52 24.77
CA VAL A 135 24.22 17.81 24.44
C VAL A 135 25.43 18.78 24.54
N VAL A 136 25.31 19.99 24.02
CA VAL A 136 26.42 20.97 24.10
C VAL A 136 26.69 21.31 25.58
N LYS A 137 25.62 21.46 26.36
CA LYS A 137 25.78 21.80 27.78
C LYS A 137 26.46 20.67 28.55
N GLN A 138 26.30 19.43 28.08
CA GLN A 138 26.93 18.23 28.68
CA GLN A 138 26.97 18.29 28.74
C GLN A 138 28.41 18.06 28.23
N GLY A 139 28.89 18.96 27.38
CA GLY A 139 30.27 18.90 26.90
C GLY A 139 30.45 18.37 25.48
N GLY A 140 29.33 18.13 24.77
CA GLY A 140 29.40 17.72 23.37
C GLY A 140 29.58 19.01 22.56
N LYS A 141 30.82 19.48 22.46
CA LYS A 141 31.11 20.78 21.88
CA LYS A 141 31.11 20.78 21.87
C LYS A 141 31.33 20.73 20.37
N THR A 142 31.98 19.67 19.87
CA THR A 142 32.25 19.56 18.43
C THR A 142 31.33 18.58 17.71
N TRP A 143 30.80 19.03 16.58
CA TRP A 143 29.71 18.33 15.84
C TRP A 143 30.03 18.10 14.38
N PHE A 144 29.61 16.94 13.88
CA PHE A 144 29.56 16.64 12.44
C PHE A 144 28.14 16.14 12.15
N PHE A 145 27.52 16.68 11.11
CA PHE A 145 26.13 16.29 10.78
C PHE A 145 26.05 15.24 9.68
N LEU A 146 25.15 14.29 9.89
CA LEU A 146 24.68 13.38 8.83
C LEU A 146 23.26 13.87 8.51
N THR A 147 23.05 14.38 7.30
CA THR A 147 21.86 15.16 7.02
C THR A 147 21.08 14.60 5.84
N ALA A 148 19.81 14.31 6.04
CA ALA A 148 18.93 13.88 4.96
C ALA A 148 18.80 15.02 3.94
N ASP A 149 18.99 14.67 2.67
CA ASP A 149 19.07 15.65 1.58
C ASP A 149 17.72 16.10 1.07
N TYR A 150 16.99 16.82 1.92
CA TYR A 150 15.72 17.44 1.54
C TYR A 150 15.36 18.44 2.63
N ALA A 151 14.21 19.10 2.50
CA ALA A 151 13.86 20.24 3.33
C ALA A 151 13.98 19.99 4.83
N PHE A 152 13.59 18.79 5.27
CA PHE A 152 13.68 18.48 6.69
C PHE A 152 15.11 18.46 7.22
N GLY A 153 15.98 17.68 6.56
CA GLY A 153 17.37 17.59 6.99
C GLY A 153 18.04 18.94 7.02
N LYS A 154 17.84 19.71 5.95
CA LYS A 154 18.47 21.01 5.81
CA LYS A 154 18.46 21.01 5.83
C LYS A 154 18.03 21.98 6.93
N ALA A 155 16.74 22.00 7.21
CA ALA A 155 16.20 22.86 8.27
C ALA A 155 16.75 22.43 9.63
N LEU A 156 16.84 21.12 9.86
CA LEU A 156 17.20 20.64 11.19
C LEU A 156 18.67 20.87 11.40
N GLU A 157 19.48 20.62 10.36
CA GLU A 157 20.91 20.89 10.44
CA GLU A 157 20.90 20.89 10.47
C GLU A 157 21.14 22.37 10.73
N LYS A 158 20.42 23.24 10.04
CA LYS A 158 20.62 24.69 10.26
C LYS A 158 20.23 25.13 11.68
N ASN A 159 19.06 24.69 12.17
CA ASN A 159 18.61 25.06 13.52
C ASN A 159 19.62 24.52 14.52
N THR A 160 20.05 23.28 14.35
CA THR A 160 20.93 22.63 15.34
C THR A 160 22.33 23.26 15.31
N ALA A 161 22.89 23.49 14.11
CA ALA A 161 24.18 24.17 13.99
C ALA A 161 24.16 25.53 14.68
N ASP A 162 23.08 26.27 14.48
CA ASP A 162 22.92 27.59 15.13
C ASP A 162 22.92 27.48 16.65
N VAL A 163 22.21 26.48 17.21
CA VAL A 163 22.21 26.25 18.67
C VAL A 163 23.59 25.86 19.19
N VAL A 164 24.25 24.92 18.50
CA VAL A 164 25.59 24.51 18.86
C VAL A 164 26.54 25.71 18.95
N LYS A 165 26.55 26.53 17.90
CA LYS A 165 27.41 27.71 17.88
C LYS A 165 27.04 28.74 18.96
N ALA A 166 25.75 29.00 19.13
CA ALA A 166 25.28 29.90 20.18
C ALA A 166 25.73 29.48 21.59
N ASN A 167 25.93 28.17 21.80
CA ASN A 167 26.28 27.65 23.11
C ASN A 167 27.76 27.29 23.27
N GLY A 168 28.59 27.84 22.40
CA GLY A 168 30.01 27.73 22.53
C GLY A 168 30.62 26.54 21.81
N GLY A 169 29.83 25.86 20.98
CA GLY A 169 30.31 24.67 20.28
C GLY A 169 30.83 25.02 18.90
N LYS A 170 31.26 24.01 18.15
CA LYS A 170 31.81 24.16 16.79
C LYS A 170 31.24 23.08 15.87
N VAL A 171 30.91 23.45 14.63
CA VAL A 171 30.47 22.46 13.64
C VAL A 171 31.62 22.25 12.70
N LEU A 172 32.10 21.01 12.62
CA LEU A 172 33.27 20.67 11.82
C LEU A 172 32.93 20.34 10.37
N GLY A 173 31.69 19.97 10.12
CA GLY A 173 31.27 19.63 8.77
C GLY A 173 29.92 18.93 8.76
N GLU A 174 29.52 18.55 7.55
CA GLU A 174 28.31 17.78 7.32
CA GLU A 174 28.32 17.73 7.35
C GLU A 174 28.50 16.87 6.11
N VAL A 175 27.73 15.78 6.05
CA VAL A 175 27.63 14.95 4.86
C VAL A 175 26.15 14.66 4.61
N ARG A 176 25.72 14.74 3.35
CA ARG A 176 24.31 14.53 2.98
C ARG A 176 24.11 13.11 2.53
N HIS A 177 22.89 12.61 2.79
CA HIS A 177 22.50 11.33 2.29
C HIS A 177 21.11 11.48 1.67
N PRO A 178 20.80 10.65 0.66
CA PRO A 178 19.47 10.65 0.12
C PRO A 178 18.44 10.17 1.14
N LEU A 179 17.22 10.66 1.00
CA LEU A 179 16.10 10.19 1.82
C LEU A 179 15.96 8.70 1.60
N SER A 180 15.83 7.97 2.69
CA SER A 180 15.71 6.51 2.66
C SER A 180 16.94 5.84 2.02
N ALA A 181 18.13 6.27 2.44
CA ALA A 181 19.39 5.71 1.95
C ALA A 181 19.54 4.21 2.23
N SER A 182 20.12 3.48 1.27
CA SER A 182 20.23 2.04 1.45
C SER A 182 21.60 1.66 1.98
N ASP A 183 22.51 2.63 2.11
CA ASP A 183 23.88 2.35 2.55
C ASP A 183 24.46 3.64 3.15
N PHE A 184 24.84 3.56 4.43
CA PHE A 184 25.37 4.71 5.14
C PHE A 184 26.89 4.67 5.36
N SER A 185 27.58 3.63 4.87
CA SER A 185 28.95 3.36 5.27
C SER A 185 29.93 4.50 4.89
N SER A 186 29.88 4.97 3.66
CA SER A 186 30.80 6.04 3.25
C SER A 186 30.55 7.37 3.99
N PHE A 187 29.27 7.68 4.23
CA PHE A 187 28.90 8.85 4.98
C PHE A 187 29.43 8.78 6.42
N LEU A 188 29.29 7.61 7.04
CA LEU A 188 29.72 7.46 8.42
C LEU A 188 31.25 7.53 8.54
N LEU A 189 31.96 6.99 7.56
CA LEU A 189 33.42 7.11 7.55
C LEU A 189 33.90 8.57 7.40
N GLN A 190 33.22 9.37 6.58
CA GLN A 190 33.51 10.80 6.50
C GLN A 190 33.33 11.46 7.83
N ALA A 191 32.20 11.19 8.47
CA ALA A 191 31.93 11.72 9.80
C ALA A 191 32.99 11.28 10.79
N GLN A 192 33.41 10.02 10.70
CA GLN A 192 34.40 9.50 11.63
C GLN A 192 35.76 10.20 11.44
N SER A 193 36.13 10.47 10.19
CA SER A 193 37.39 11.13 9.89
CA SER A 193 37.40 11.13 9.89
C SER A 193 37.41 12.59 10.37
N SER A 194 36.25 13.17 10.62
CA SER A 194 36.19 14.57 11.07
C SER A 194 36.72 14.77 12.50
N LYS A 195 36.76 13.71 13.28
CA LYS A 195 37.11 13.75 14.72
C LYS A 195 36.18 14.57 15.64
N ALA A 196 35.00 14.94 15.17
CA ALA A 196 33.99 15.56 16.03
C ALA A 196 33.62 14.64 17.19
N GLN A 197 33.20 15.23 18.32
CA GLN A 197 32.70 14.51 19.50
C GLN A 197 31.29 13.94 19.27
N ILE A 198 30.46 14.71 18.55
CA ILE A 198 29.05 14.39 18.36
C ILE A 198 28.76 14.21 16.86
N LEU A 199 28.09 13.10 16.53
CA LEU A 199 27.46 12.90 15.22
C LEU A 199 26.00 13.24 15.32
N GLY A 200 25.60 14.35 14.70
CA GLY A 200 24.23 14.84 14.77
C GLY A 200 23.48 14.19 13.61
N LEU A 201 22.46 13.44 13.95
CA LEU A 201 21.62 12.76 12.97
C LEU A 201 20.45 13.65 12.57
N ALA A 202 20.66 14.44 11.51
CA ALA A 202 19.64 15.35 11.00
C ALA A 202 18.80 14.60 9.97
N ASN A 203 18.08 13.59 10.47
CA ASN A 203 17.29 12.71 9.62
C ASN A 203 16.24 12.08 10.54
N ALA A 204 15.42 11.18 10.03
CA ALA A 204 14.26 10.70 10.82
C ALA A 204 13.86 9.29 10.40
N GLY A 205 13.03 8.68 11.23
CA GLY A 205 12.41 7.42 10.87
C GLY A 205 13.38 6.33 10.49
N GLY A 206 13.08 5.63 9.38
CA GLY A 206 13.94 4.54 8.93
C GLY A 206 15.39 4.95 8.70
N ASP A 207 15.62 6.22 8.33
CA ASP A 207 17.00 6.73 8.14
C ASP A 207 17.75 6.77 9.47
N THR A 208 17.09 7.28 10.51
CA THR A 208 17.67 7.33 11.82
C THR A 208 17.98 5.89 12.31
N VAL A 209 17.04 5.00 12.11
CA VAL A 209 17.20 3.62 12.54
C VAL A 209 18.37 2.98 11.83
N ASN A 210 18.39 3.09 10.51
CA ASN A 210 19.44 2.47 9.71
C ASN A 210 20.82 3.09 9.97
N ALA A 211 20.87 4.41 10.21
CA ALA A 211 22.14 5.08 10.49
C ALA A 211 22.70 4.67 11.83
N ILE A 212 21.84 4.50 12.83
CA ILE A 212 22.28 4.10 14.16
C ILE A 212 22.79 2.67 14.11
N LYS A 213 22.06 1.80 13.40
CA LYS A 213 22.48 0.41 13.24
C LYS A 213 23.86 0.34 12.61
N ALA A 214 24.00 1.05 11.50
CA ALA A 214 25.28 1.16 10.77
C ALA A 214 26.39 1.76 11.63
N ALA A 215 26.12 2.82 12.37
CA ALA A 215 27.15 3.42 13.24
C ALA A 215 27.65 2.44 14.33
N LYS A 216 26.73 1.71 14.95
CA LYS A 216 27.09 0.76 15.98
C LYS A 216 27.87 -0.36 15.30
N GLU A 217 27.34 -0.90 14.20
CA GLU A 217 28.03 -1.93 13.39
C GLU A 217 29.47 -1.58 13.02
N PHE A 218 29.69 -0.41 12.37
CA PHE A 218 31.02 -0.04 11.88
C PHE A 218 31.92 0.52 13.00
N GLY A 219 31.44 0.53 14.24
CA GLY A 219 32.24 0.97 15.39
C GLY A 219 32.33 2.48 15.55
N ILE A 220 31.46 3.23 14.88
CA ILE A 220 31.52 4.68 14.91
C ILE A 220 31.29 5.14 16.35
N THR A 221 30.43 4.43 17.08
CA THR A 221 30.04 4.84 18.43
C THR A 221 31.13 4.56 19.48
N LYS A 222 32.22 3.93 19.07
CA LYS A 222 33.41 3.83 19.92
C LYS A 222 34.10 5.19 20.09
N THR A 223 33.99 6.04 19.08
CA THR A 223 34.74 7.30 19.09
C THR A 223 33.88 8.56 19.02
N LYS A 225 29.76 10.19 20.05
CA LYS A 225 28.42 10.04 20.57
C LYS A 225 27.39 10.43 19.49
N LEU A 226 26.31 9.66 19.37
CA LEU A 226 25.24 10.00 18.42
C LEU A 226 24.27 10.95 19.09
N ALA A 227 23.85 12.00 18.38
CA ALA A 227 22.77 12.85 18.82
C ALA A 227 21.62 12.57 17.84
N ALA A 228 20.62 11.87 18.31
CA ALA A 228 19.47 11.52 17.49
C ALA A 228 18.52 12.72 17.60
N LEU A 229 18.58 13.58 16.61
CA LEU A 229 17.86 14.85 16.71
C LEU A 229 16.35 14.68 16.51
N LEU A 230 15.92 13.58 15.88
CA LEU A 230 14.49 13.25 15.84
C LEU A 230 14.32 11.73 15.93
N PHE A 232 11.33 8.81 17.36
CA PHE A 232 10.01 8.52 17.88
C PHE A 232 10.04 7.17 18.58
N ILE A 233 8.97 6.85 19.27
CA ILE A 233 8.94 5.61 20.06
C ILE A 233 9.12 4.37 19.18
N ASN A 234 8.66 4.42 17.93
CA ASN A 234 8.77 3.27 17.01
C ASN A 234 10.23 3.03 16.58
N ASP A 235 11.00 4.11 16.55
CA ASP A 235 12.41 4.03 16.20
C ASP A 235 13.16 3.31 17.33
N VAL A 236 12.86 3.66 18.58
CA VAL A 236 13.43 2.92 19.71
C VAL A 236 13.02 1.44 19.70
N HIS A 237 11.75 1.16 19.39
CA HIS A 237 11.25 -0.18 19.37
C HIS A 237 12.01 -1.01 18.31
N ALA A 238 12.22 -0.40 17.14
CA ALA A 238 12.96 -1.04 16.04
C ALA A 238 14.41 -1.37 16.44
N LEU A 239 15.05 -0.44 17.13
CA LEU A 239 16.47 -0.60 17.47
C LEU A 239 16.68 -1.44 18.72
N GLY A 240 15.77 -1.30 19.67
CA GLY A 240 15.94 -1.93 20.96
C GLY A 240 16.73 -1.04 21.94
N LEU A 241 16.45 -1.25 23.23
CA LEU A 241 17.09 -0.48 24.30
C LEU A 241 18.58 -0.75 24.45
N GLU A 242 19.02 -1.96 24.16
CA GLU A 242 20.45 -2.23 24.34
C GLU A 242 21.27 -1.24 23.46
N THR A 243 20.79 -0.98 22.25
CA THR A 243 21.48 -0.09 21.30
C THR A 243 21.20 1.38 21.59
N THR A 244 20.00 1.72 22.05
CA THR A 244 19.58 3.15 22.21
C THR A 244 19.74 3.76 23.59
N GLN A 245 20.02 2.93 24.58
CA GLN A 245 20.14 3.41 25.97
C GLN A 245 21.09 4.62 26.04
N GLY A 246 20.65 5.63 26.79
CA GLY A 246 21.42 6.82 27.04
C GLY A 246 21.27 7.89 26.01
N LEU A 247 20.63 7.62 24.89
CA LEU A 247 20.40 8.70 23.91
C LEU A 247 19.46 9.73 24.49
N VAL A 248 19.77 10.99 24.22
CA VAL A 248 18.92 12.09 24.67
C VAL A 248 18.09 12.57 23.48
N LEU A 249 16.80 12.77 23.71
CA LEU A 249 15.94 13.19 22.62
C LEU A 249 14.90 14.18 23.12
N THR A 250 14.29 14.87 22.17
CA THR A 250 13.23 15.83 22.43
C THR A 250 11.96 15.29 21.80
N ASP A 251 10.88 15.23 22.58
CA ASP A 251 9.58 14.77 21.98
C ASP A 251 8.44 15.56 22.58
N SER A 252 7.26 15.51 21.96
CA SER A 252 6.14 16.30 22.44
C SER A 252 5.18 15.54 23.32
N TRP A 253 5.27 14.21 23.34
CA TRP A 253 4.26 13.38 24.04
C TRP A 253 4.79 11.98 24.16
N TYR A 254 4.44 11.31 25.25
CA TYR A 254 4.80 9.91 25.44
CA TYR A 254 4.85 9.94 25.53
C TYR A 254 3.68 9.23 26.21
N TRP A 255 3.41 8.00 25.78
CA TRP A 255 2.22 7.27 26.24
C TRP A 255 2.18 7.12 27.76
N ASN A 256 3.34 6.99 28.39
CA ASN A 256 3.38 6.70 29.83
C ASN A 256 3.59 7.94 30.69
N ARG A 257 3.41 9.13 30.12
CA ARG A 257 3.61 10.39 30.87
C ARG A 257 2.71 10.51 32.07
N ASP A 258 1.42 10.24 31.88
CA ASP A 258 0.43 10.48 32.95
C ASP A 258 -0.84 9.69 32.72
N GLN A 259 -1.80 9.83 33.62
CA GLN A 259 -3.03 9.04 33.54
C GLN A 259 -3.70 9.25 32.18
N ALA A 260 -3.86 10.51 31.76
CA ALA A 260 -4.62 10.84 30.56
C ALA A 260 -3.93 10.29 29.28
N SER A 261 -2.60 10.34 29.24
CA SER A 261 -1.86 9.80 28.08
CA SER A 261 -1.86 9.80 28.08
C SER A 261 -2.01 8.28 28.01
N ARG A 262 -1.88 7.63 29.17
CA ARG A 262 -1.99 6.19 29.24
C ARG A 262 -3.38 5.73 28.82
N GLN A 263 -4.40 6.43 29.30
CA GLN A 263 -5.78 6.02 29.00
C GLN A 263 -6.07 6.13 27.50
N TRP A 264 -5.60 7.20 26.87
CA TRP A 264 -5.77 7.30 25.42
C TRP A 264 -4.95 6.22 24.68
N ALA A 265 -3.74 5.97 25.14
CA ALA A 265 -2.88 4.96 24.54
C ALA A 265 -3.49 3.58 24.61
N GLN A 266 -4.22 3.31 25.69
CA GLN A 266 -4.94 2.03 25.80
C GLN A 266 -5.98 1.85 24.70
N ARG A 267 -6.74 2.93 24.41
CA ARG A 267 -7.74 2.92 23.33
C ARG A 267 -7.09 2.73 21.97
N TYR A 268 -5.97 3.41 21.76
CA TYR A 268 -5.18 3.20 20.53
C TYR A 268 -4.67 1.76 20.36
N PHE A 269 -4.06 1.22 21.42
CA PHE A 269 -3.52 -0.11 21.42
C PHE A 269 -4.59 -1.16 21.14
N ALA A 270 -5.78 -0.94 21.73
CA ALA A 270 -6.90 -1.85 21.57
C ALA A 270 -7.22 -2.01 20.07
N LYS A 271 -6.98 -0.96 19.28
CA LYS A 271 -7.12 -1.04 17.80
C LYS A 271 -5.85 -1.44 17.03
N LYS A 273 -2.51 -2.37 18.30
CA LYS A 273 -1.58 -3.31 18.94
C LYS A 273 -0.13 -2.84 18.97
N LYS A 274 0.02 -1.51 19.01
CA LYS A 274 1.29 -0.87 19.30
C LYS A 274 0.97 0.33 20.16
N PRO A 276 1.09 4.25 20.74
CA PRO A 276 1.14 5.33 19.76
C PRO A 276 2.37 6.20 19.93
N SER A 277 2.85 6.73 18.81
CA SER A 277 3.86 7.77 18.82
C SER A 277 3.22 9.13 19.13
N SER A 278 4.05 10.11 19.37
CA SER A 278 3.59 11.48 19.58
C SER A 278 2.82 12.05 18.32
N LEU A 279 3.16 11.57 17.12
CA LEU A 279 2.44 12.00 15.92
C LEU A 279 1.03 11.47 15.87
N GLN A 280 0.85 10.19 16.20
CA GLN A 280 -0.44 9.56 16.20
C GLN A 280 -1.37 10.19 17.25
N ALA A 281 -0.82 10.47 18.43
CA ALA A 281 -1.52 11.27 19.46
C ALA A 281 -1.91 12.66 18.99
N ALA A 282 -0.94 13.37 18.42
CA ALA A 282 -1.18 14.73 17.87
C ALA A 282 -2.21 14.75 16.74
N ASP A 283 -2.22 13.71 15.88
CA ASP A 283 -3.23 13.58 14.83
C ASP A 283 -4.64 13.63 15.44
N TYR A 284 -4.87 12.80 16.46
CA TYR A 284 -6.16 12.76 17.14
C TYR A 284 -6.46 14.14 17.75
N SER A 285 -5.50 14.71 18.46
CA SER A 285 -5.73 15.98 19.17
C SER A 285 -6.06 17.11 18.22
N SER A 286 -5.33 17.16 17.10
CA SER A 286 -5.48 18.25 16.12
C SER A 286 -6.87 18.21 15.51
N VAL A 287 -7.42 17.01 15.30
CA VAL A 287 -8.79 16.88 14.78
C VAL A 287 -9.84 17.34 15.80
N THR A 288 -9.67 16.95 17.05
CA THR A 288 -10.50 17.45 18.08
C THR A 288 -10.47 18.99 18.14
N THR A 289 -9.27 19.56 18.05
CA THR A 289 -9.10 21.02 18.07
C THR A 289 -9.82 21.68 16.88
N TYR A 290 -9.61 21.17 15.67
CA TYR A 290 -10.33 21.67 14.51
C TYR A 290 -11.85 21.60 14.70
N LEU A 291 -12.36 20.43 15.10
CA LEU A 291 -13.79 20.24 15.21
C LEU A 291 -14.38 21.18 16.26
N LYS A 292 -13.66 21.41 17.35
CA LYS A 292 -14.12 22.34 18.40
C LYS A 292 -14.23 23.74 17.83
N ALA A 293 -13.29 24.10 16.95
CA ALA A 293 -13.30 25.41 16.34
C ALA A 293 -14.48 25.57 15.34
N VAL A 294 -14.74 24.54 14.56
CA VAL A 294 -15.89 24.57 13.63
C VAL A 294 -17.18 24.65 14.44
N GLN A 295 -17.26 23.90 15.55
CA GLN A 295 -18.45 23.87 16.45
C GLN A 295 -18.72 25.24 17.06
N ALA A 296 -17.64 25.89 17.53
CA ALA A 296 -17.70 27.23 18.09
C ALA A 296 -17.97 28.30 17.04
N ALA A 297 -17.40 28.18 15.85
CA ALA A 297 -17.66 29.15 14.77
C ALA A 297 -19.05 28.99 14.15
N GLY A 298 -19.65 27.80 14.27
CA GLY A 298 -20.86 27.48 13.53
C GLY A 298 -20.69 27.45 12.01
N SER A 299 -19.47 27.24 11.56
CA SER A 299 -19.11 27.40 10.15
C SER A 299 -17.83 26.64 9.88
N THR A 300 -17.65 26.17 8.65
CA THR A 300 -16.33 25.68 8.19
C THR A 300 -15.57 26.75 7.38
N ASP A 301 -16.15 27.94 7.20
CA ASP A 301 -15.45 29.06 6.53
C ASP A 301 -14.03 29.24 7.09
N SER A 302 -13.03 29.26 6.22
CA SER A 302 -11.64 29.18 6.70
C SER A 302 -11.22 30.40 7.54
N ASP A 303 -11.73 31.59 7.23
CA ASP A 303 -11.37 32.75 8.04
C ASP A 303 -11.99 32.70 9.44
N LYS A 304 -13.25 32.27 9.54
CA LYS A 304 -13.90 32.08 10.83
C LYS A 304 -13.23 30.98 11.65
N VAL A 305 -12.88 29.86 11.01
CA VAL A 305 -12.24 28.74 11.73
C VAL A 305 -10.84 29.15 12.21
N ALA A 307 -9.81 32.15 12.96
CA ALA A 307 -10.02 33.06 14.10
C ALA A 307 -10.34 32.28 15.39
N GLN A 308 -11.19 31.26 15.29
CA GLN A 308 -11.47 30.39 16.43
C GLN A 308 -10.20 29.67 16.87
N LEU A 309 -9.45 29.08 15.92
CA LEU A 309 -8.25 28.35 16.29
C LEU A 309 -7.25 29.23 17.04
N LYS A 310 -7.18 30.50 16.66
CA LYS A 310 -6.23 31.44 17.26
C LYS A 310 -6.73 32.13 18.50
N LYS A 311 -7.93 31.83 18.95
CA LYS A 311 -8.43 32.40 20.21
C LYS A 311 -8.83 31.37 21.26
N LYS A 313 -8.11 28.10 23.87
CA LYS A 313 -7.13 27.27 24.52
CA LYS A 313 -7.13 27.26 24.52
C LYS A 313 -7.30 25.82 24.04
N ILE A 314 -6.19 25.09 23.98
CA ILE A 314 -6.19 23.62 23.80
C ILE A 314 -5.86 22.95 25.16
N ASP A 315 -6.64 21.95 25.56
CA ASP A 315 -6.33 21.27 26.82
C ASP A 315 -6.94 19.87 26.75
N ASP A 316 -6.13 18.92 26.30
CA ASP A 316 -6.57 17.56 26.17
C ASP A 316 -5.44 16.60 26.62
N PHE A 317 -5.63 15.29 26.40
CA PHE A 317 -4.67 14.29 26.79
C PHE A 317 -3.29 14.48 26.10
N TYR A 318 -3.29 15.17 24.96
CA TYR A 318 -2.07 15.43 24.18
C TYR A 318 -1.28 16.63 24.72
N ALA A 319 -1.95 17.77 24.93
CA ALA A 319 -1.28 19.00 25.29
C ALA A 319 -2.20 20.01 25.90
N LYS A 320 -1.59 20.91 26.66
CA LYS A 320 -2.20 22.19 26.98
C LYS A 320 -1.45 23.23 26.16
N GLY A 321 -2.18 24.07 25.44
CA GLY A 321 -1.53 25.08 24.61
C GLY A 321 -2.46 26.01 23.87
N TYR A 322 -1.90 26.65 22.85
CA TYR A 322 -2.68 27.58 22.03
C TYR A 322 -1.94 27.74 20.71
N ILE A 323 -2.61 28.34 19.75
CA ILE A 323 -2.05 28.50 18.41
C ILE A 323 -1.81 29.97 18.22
N ARG A 324 -0.55 30.31 17.99
CA ARG A 324 -0.15 31.73 17.95
C ARG A 324 -0.08 32.27 16.52
N THR A 325 0.27 33.54 16.40
CA THR A 325 0.21 34.24 15.13
C THR A 325 0.90 33.52 13.97
N ASP A 326 2.10 33.01 14.20
CA ASP A 326 2.90 32.37 13.14
C ASP A 326 2.41 30.99 12.75
N GLY A 327 1.40 30.51 13.48
CA GLY A 327 0.81 29.20 13.24
C GLY A 327 1.28 28.09 14.17
N SER A 328 2.32 28.31 14.97
CA SER A 328 2.77 27.26 15.85
C SER A 328 1.78 27.04 16.99
N ILE A 330 1.77 26.24 20.56
CA ILE A 330 2.70 26.34 21.66
C ILE A 330 2.29 25.42 22.81
N HIS A 331 3.17 24.48 23.11
CA HIS A 331 2.97 23.50 24.16
C HIS A 331 4.35 23.04 24.66
N ASP A 332 4.38 22.61 25.91
CA ASP A 332 5.62 22.13 26.52
C ASP A 332 6.20 20.96 25.71
N TYR A 334 9.46 17.85 25.89
CA TYR A 334 10.12 17.00 26.89
C TYR A 334 11.49 16.56 26.39
N LEU A 335 12.50 16.78 27.21
CA LEU A 335 13.85 16.23 26.99
C LEU A 335 13.86 14.90 27.72
N GLU A 337 15.63 10.77 28.18
CA GLU A 337 16.76 9.90 27.98
C GLU A 337 16.22 8.47 27.82
N VAL A 338 16.77 7.73 26.85
CA VAL A 338 16.34 6.36 26.60
C VAL A 338 16.88 5.47 27.70
N LYS A 339 15.99 4.69 28.28
CA LYS A 339 16.32 3.74 29.35
C LYS A 339 17.31 2.63 29.02
N LYS A 340 18.03 2.20 30.05
CA LYS A 340 18.73 0.94 30.02
C LYS A 340 17.68 -0.17 29.96
N PRO A 341 18.00 -1.30 29.36
CA PRO A 341 17.10 -2.46 29.43
C PRO A 341 16.64 -2.79 30.85
N SER A 342 17.54 -2.73 31.83
CA SER A 342 17.18 -3.08 33.21
C SER A 342 16.23 -2.08 33.86
N GLU A 343 16.06 -0.91 33.25
CA GLU A 343 15.16 0.13 33.79
C GLU A 343 13.75 0.03 33.19
N SER A 344 13.57 -0.79 32.16
CA SER A 344 12.34 -0.88 31.41
C SER A 344 11.46 -1.92 32.08
N LYS A 345 10.28 -1.49 32.53
CA LYS A 345 9.47 -2.26 33.47
C LYS A 345 8.20 -2.89 32.84
N GLU A 346 7.92 -2.51 31.60
CA GLU A 346 6.90 -3.19 30.81
C GLU A 346 7.16 -2.87 29.36
N PRO A 347 6.47 -3.57 28.45
CA PRO A 347 6.70 -3.27 27.04
C PRO A 347 6.45 -1.82 26.72
N TRP A 348 7.32 -1.28 25.87
CA TRP A 348 7.29 0.12 25.45
C TRP A 348 7.69 1.14 26.50
N ASP A 349 8.15 0.70 27.66
CA ASP A 349 8.63 1.61 28.70
C ASP A 349 10.06 2.04 28.37
N TYR A 350 10.23 3.13 27.61
CA TYR A 350 11.53 3.47 27.06
C TYR A 350 12.17 4.75 27.60
N TYR A 351 11.40 5.65 28.21
CA TYR A 351 11.84 7.02 28.48
CA TYR A 351 11.93 6.98 28.48
C TYR A 351 12.00 7.37 29.95
N LYS A 352 13.00 8.18 30.26
CA LYS A 352 13.14 8.87 31.52
C LYS A 352 13.01 10.33 31.15
N VAL A 353 12.19 11.10 31.86
CA VAL A 353 12.14 12.55 31.58
C VAL A 353 13.32 13.28 32.23
N VAL A 354 14.11 13.96 31.44
CA VAL A 354 15.25 14.72 31.95
C VAL A 354 14.75 16.12 32.38
N ALA A 355 13.94 16.75 31.53
CA ALA A 355 13.44 18.11 31.76
C ALA A 355 12.18 18.36 30.95
N THR A 356 11.33 19.21 31.49
CA THR A 356 10.23 19.78 30.72
C THR A 356 10.69 21.12 30.16
N ILE A 357 10.54 21.34 28.86
CA ILE A 357 10.92 22.60 28.23
C ILE A 357 9.67 23.42 28.06
N PRO A 358 9.58 24.57 28.75
CA PRO A 358 8.31 25.30 28.60
C PRO A 358 8.05 25.72 27.16
N GLY A 359 6.78 25.65 26.78
CA GLY A 359 6.35 25.96 25.45
C GLY A 359 6.87 27.28 24.94
N GLU A 360 6.72 28.31 25.74
CA GLU A 360 7.21 29.64 25.35
C GLU A 360 8.72 29.68 25.07
N GLN A 361 9.47 28.73 25.66
CA GLN A 361 10.89 28.65 25.44
C GLN A 361 11.32 27.67 24.37
N ALA A 362 10.43 26.78 23.94
CA ALA A 362 10.81 25.68 23.06
C ALA A 362 10.89 26.05 21.58
N PHE A 363 10.10 27.03 21.18
CA PHE A 363 9.93 27.37 19.77
C PHE A 363 10.60 28.70 19.39
N THR A 364 10.51 29.05 18.11
CA THR A 364 11.12 30.28 17.59
C THR A 364 10.63 31.49 18.37
N THR A 365 11.56 32.37 18.80
CA THR A 365 11.20 33.57 19.52
C THR A 365 10.76 34.68 18.57
N LYS A 366 10.00 35.61 19.11
CA LYS A 366 9.59 36.77 18.32
C LYS A 366 10.75 37.49 17.69
N GLN A 367 11.85 37.64 18.41
CA GLN A 367 12.99 38.38 17.92
C GLN A 367 13.72 37.66 16.78
N GLU A 368 13.61 36.33 16.72
CA GLU A 368 14.36 35.56 15.75
CA GLU A 368 14.36 35.55 15.75
C GLU A 368 13.49 35.04 14.60
N THR A 369 12.20 35.33 14.62
CA THR A 369 11.29 34.83 13.60
C THR A 369 11.65 35.29 12.19
N ARG A 370 11.41 34.41 11.22
CA ARG A 370 11.47 34.79 9.80
C ARG A 370 10.06 34.83 9.20
N CYS A 371 9.05 34.83 10.08
CA CYS A 371 7.65 34.93 9.64
C CYS A 371 7.27 36.38 9.40
N ALA A 372 7.06 36.73 8.13
CA ALA A 372 6.72 38.10 7.75
C ALA A 372 5.37 38.59 8.31
N LEU A 373 4.54 37.67 8.79
CA LEU A 373 3.23 37.99 9.38
C LEU A 373 3.28 38.20 10.90
N TRP A 374 4.45 38.01 11.51
CA TRP A 374 4.62 38.18 12.95
C TRP A 374 5.54 39.37 13.25
N LYS A 375 4.94 40.51 13.43
CA LYS A 375 5.71 41.71 13.78
C LYS A 375 5.24 42.38 15.08
N GLY B 1 -31.19 -15.23 -26.62
CA GLY B 1 -31.82 -14.60 -27.83
C GLY B 1 -33.17 -15.21 -28.05
N ALA B 2 -33.90 -14.74 -29.07
CA ALA B 2 -35.22 -15.27 -29.38
C ALA B 2 -35.19 -16.77 -29.65
N ASP B 3 -34.32 -17.19 -30.57
CA ASP B 3 -34.27 -18.59 -31.00
C ASP B 3 -33.13 -19.40 -30.35
N SER B 4 -32.16 -18.73 -29.74
CA SER B 4 -31.00 -19.45 -29.19
C SER B 4 -30.59 -18.85 -27.85
N VAL B 5 -29.96 -19.66 -27.00
CA VAL B 5 -29.26 -19.20 -25.79
C VAL B 5 -27.85 -18.84 -26.26
N LYS B 6 -27.49 -17.56 -26.17
CA LYS B 6 -26.21 -17.10 -26.73
CA LYS B 6 -26.22 -17.08 -26.73
C LYS B 6 -25.17 -16.85 -25.66
N ILE B 7 -24.03 -17.51 -25.84
CA ILE B 7 -22.89 -17.38 -24.96
C ILE B 7 -21.81 -16.67 -25.73
N GLY B 8 -21.31 -15.56 -25.18
CA GLY B 8 -20.23 -14.80 -25.84
C GLY B 8 -18.95 -14.87 -25.05
N PHE B 9 -17.82 -14.98 -25.74
CA PHE B 9 -16.50 -15.10 -25.10
C PHE B 9 -15.58 -14.06 -25.68
N ILE B 10 -15.03 -13.20 -24.81
CA ILE B 10 -14.15 -12.13 -25.23
C ILE B 10 -12.82 -12.24 -24.50
N THR B 11 -11.74 -12.42 -25.24
CA THR B 11 -10.42 -12.59 -24.62
C THR B 11 -9.32 -12.11 -25.56
N ASP B 12 -8.07 -12.18 -25.10
CA ASP B 12 -6.94 -11.91 -25.96
C ASP B 12 -6.66 -13.15 -26.80
N SER B 14 -4.67 -12.97 -29.63
CA SER B 14 -3.52 -12.69 -30.48
C SER B 14 -2.25 -12.17 -29.77
N GLY B 15 -2.34 -11.82 -28.51
CA GLY B 15 -1.22 -11.15 -27.83
C GLY B 15 -0.59 -12.02 -26.77
N LEU B 16 -0.01 -11.36 -25.77
CA LEU B 16 0.79 -12.03 -24.76
C LEU B 16 0.03 -13.02 -23.87
N TYR B 17 -1.30 -13.00 -23.91
CA TYR B 17 -2.12 -13.92 -23.11
C TYR B 17 -2.80 -15.00 -23.95
N ALA B 18 -2.49 -15.08 -25.25
CA ALA B 18 -3.24 -15.97 -26.13
C ALA B 18 -3.05 -17.47 -25.78
N ASP B 19 -1.82 -17.86 -25.43
CA ASP B 19 -1.51 -19.27 -25.17
C ASP B 19 -2.20 -19.83 -23.94
N ILE B 20 -2.31 -19.02 -22.89
CA ILE B 20 -2.89 -19.47 -21.62
C ILE B 20 -4.41 -19.54 -21.65
N ASP B 21 -5.03 -18.89 -22.63
CA ASP B 21 -6.50 -18.87 -22.78
C ASP B 21 -6.79 -18.84 -24.26
N GLY B 22 -7.12 -17.65 -24.81
CA GLY B 22 -7.27 -17.51 -26.27
C GLY B 22 -8.14 -18.52 -26.97
N GLN B 23 -7.68 -18.93 -28.17
CA GLN B 23 -8.38 -19.92 -28.98
CA GLN B 23 -8.35 -19.94 -28.99
C GLN B 23 -8.66 -21.21 -28.19
N GLY B 24 -7.70 -21.64 -27.38
CA GLY B 24 -7.92 -22.86 -26.57
C GLY B 24 -9.11 -22.71 -25.62
N GLY B 25 -9.24 -21.52 -25.04
CA GLY B 25 -10.40 -21.21 -24.16
C GLY B 25 -11.70 -21.31 -24.94
N LEU B 26 -11.66 -20.82 -26.17
CA LEU B 26 -12.85 -20.89 -27.03
C LEU B 26 -13.22 -22.33 -27.29
N GLU B 27 -12.22 -23.13 -27.62
CA GLU B 27 -12.41 -24.53 -27.91
CA GLU B 27 -12.50 -24.52 -27.92
C GLU B 27 -13.04 -25.23 -26.67
N ALA B 28 -12.54 -24.88 -25.49
CA ALA B 28 -13.06 -25.46 -24.25
C ALA B 28 -14.53 -25.10 -24.04
N ILE B 29 -14.87 -23.85 -24.30
CA ILE B 29 -16.27 -23.39 -24.21
C ILE B 29 -17.15 -24.20 -25.19
N LYS B 30 -16.69 -24.36 -26.43
CA LYS B 30 -17.48 -25.12 -27.41
C LYS B 30 -17.65 -26.59 -27.01
N ALA B 32 -17.77 -27.67 -23.92
CA ALA B 32 -18.75 -27.70 -22.85
C ALA B 32 -20.17 -27.64 -23.38
N VAL B 33 -20.40 -26.77 -24.35
CA VAL B 33 -21.72 -26.66 -24.98
C VAL B 33 -22.13 -27.98 -25.66
N ALA B 34 -21.23 -28.55 -26.44
CA ALA B 34 -21.50 -29.81 -27.11
C ALA B 34 -21.73 -30.91 -26.09
N ASP B 35 -20.93 -30.98 -25.03
CA ASP B 35 -21.08 -32.06 -24.04
C ASP B 35 -22.37 -31.94 -23.25
N PHE B 36 -22.87 -30.72 -23.10
CA PHE B 36 -24.10 -30.52 -22.37
C PHE B 36 -25.30 -31.00 -23.21
N GLY B 37 -25.09 -31.13 -24.52
CA GLY B 37 -26.13 -31.57 -25.44
C GLY B 37 -26.42 -30.56 -26.53
N GLY B 38 -25.78 -29.41 -26.49
CA GLY B 38 -25.94 -28.39 -27.55
C GLY B 38 -27.21 -27.56 -27.42
N LYS B 39 -28.01 -27.86 -26.41
CA LYS B 39 -29.24 -27.12 -26.11
C LYS B 39 -29.48 -27.13 -24.62
N VAL B 40 -30.32 -26.22 -24.14
CA VAL B 40 -30.74 -26.24 -22.73
C VAL B 40 -32.21 -25.87 -22.66
N ASN B 41 -32.99 -26.62 -21.88
CA ASN B 41 -34.44 -26.39 -21.79
C ASN B 41 -35.05 -26.31 -23.20
N GLY B 42 -34.60 -27.21 -24.07
CA GLY B 42 -35.07 -27.29 -25.44
C GLY B 42 -34.57 -26.27 -26.46
N LYS B 43 -33.76 -25.31 -26.02
CA LYS B 43 -33.35 -24.18 -26.85
C LYS B 43 -31.88 -24.36 -27.29
N PRO B 44 -31.60 -24.25 -28.59
CA PRO B 44 -30.22 -24.41 -29.06
C PRO B 44 -29.30 -23.36 -28.45
N ILE B 45 -28.06 -23.75 -28.16
CA ILE B 45 -27.02 -22.86 -27.63
C ILE B 45 -26.08 -22.42 -28.76
N GLU B 46 -25.87 -21.12 -28.90
CA GLU B 46 -24.92 -20.58 -29.87
C GLU B 46 -23.76 -19.91 -29.14
N VAL B 47 -22.55 -20.03 -29.68
CA VAL B 47 -21.36 -19.39 -29.13
C VAL B 47 -20.81 -18.34 -30.12
N VAL B 48 -20.55 -17.14 -29.63
CA VAL B 48 -19.94 -16.09 -30.41
C VAL B 48 -18.68 -15.69 -29.64
N TYR B 49 -17.70 -15.11 -30.34
CA TYR B 49 -16.46 -14.75 -29.70
C TYR B 49 -15.80 -13.56 -30.39
N ALA B 50 -14.85 -12.95 -29.70
CA ALA B 50 -14.13 -11.77 -30.20
C ALA B 50 -12.74 -11.69 -29.55
N ASP B 51 -11.75 -11.22 -30.31
CA ASP B 51 -10.43 -10.88 -29.82
C ASP B 51 -10.45 -9.43 -29.36
N HIS B 52 -10.31 -9.19 -28.06
CA HIS B 52 -10.28 -7.79 -27.59
C HIS B 52 -8.96 -7.07 -27.84
N GLN B 53 -7.96 -7.82 -28.29
CA GLN B 53 -6.63 -7.29 -28.62
C GLN B 53 -6.04 -6.47 -27.47
N ASN B 54 -6.41 -6.83 -26.25
CA ASN B 54 -5.99 -6.16 -25.03
C ASN B 54 -6.39 -4.66 -24.98
N LYS B 55 -7.56 -4.34 -25.54
CA LYS B 55 -8.11 -2.98 -25.48
C LYS B 55 -9.44 -3.04 -24.74
N ALA B 56 -9.50 -2.37 -23.61
CA ALA B 56 -10.72 -2.30 -22.81
C ALA B 56 -11.94 -1.77 -23.58
N ASP B 57 -11.70 -0.80 -24.48
CA ASP B 57 -12.76 -0.20 -25.30
CA ASP B 57 -12.80 -0.22 -25.24
C ASP B 57 -13.37 -1.18 -26.28
N ILE B 58 -12.50 -1.98 -26.92
CA ILE B 58 -12.97 -3.02 -27.83
C ILE B 58 -13.82 -4.05 -27.08
N ALA B 59 -13.32 -4.52 -25.93
CA ALA B 59 -14.08 -5.50 -25.13
C ALA B 59 -15.46 -4.96 -24.75
N ALA B 60 -15.51 -3.74 -24.23
CA ALA B 60 -16.77 -3.15 -23.73
C ALA B 60 -17.77 -2.92 -24.88
N SER B 61 -17.25 -2.46 -26.02
CA SER B 61 -18.04 -2.21 -27.23
CA SER B 61 -18.06 -2.22 -27.22
C SER B 61 -18.71 -3.48 -27.73
N LYS B 62 -17.92 -4.55 -27.86
CA LYS B 62 -18.42 -5.80 -28.35
CA LYS B 62 -18.42 -5.81 -28.36
C LYS B 62 -19.48 -6.37 -27.42
N ALA B 63 -19.21 -6.30 -26.13
CA ALA B 63 -20.17 -6.82 -25.16
C ALA B 63 -21.50 -6.04 -25.23
N ARG B 64 -21.41 -4.71 -25.32
CA ARG B 64 -22.60 -3.88 -25.44
CA ARG B 64 -22.58 -3.85 -25.46
C ARG B 64 -23.42 -4.27 -26.68
N GLU B 65 -22.76 -4.42 -27.82
CA GLU B 65 -23.44 -4.79 -29.04
C GLU B 65 -24.13 -6.16 -28.92
N TRP B 66 -23.42 -7.13 -28.38
CA TRP B 66 -24.00 -8.48 -28.24
C TRP B 66 -25.20 -8.43 -27.32
N ASP B 68 -27.23 -5.81 -26.65
CA ASP B 68 -28.32 -4.94 -27.13
C ASP B 68 -28.95 -5.47 -28.42
N ARG B 69 -28.15 -6.07 -29.29
CA ARG B 69 -28.62 -6.47 -30.61
C ARG B 69 -28.25 -7.87 -31.01
N GLY B 70 -27.60 -8.61 -30.11
CA GLY B 70 -27.16 -9.96 -30.42
C GLY B 70 -27.81 -11.03 -29.57
N GLY B 71 -28.72 -10.62 -28.66
CA GLY B 71 -29.46 -11.57 -27.81
C GLY B 71 -28.54 -12.31 -26.85
N LEU B 72 -27.48 -11.67 -26.36
CA LEU B 72 -26.55 -12.35 -25.44
C LEU B 72 -27.22 -12.80 -24.15
N ASP B 73 -26.96 -14.04 -23.74
CA ASP B 73 -27.41 -14.53 -22.43
C ASP B 73 -26.31 -14.65 -21.40
N LEU B 74 -25.11 -15.00 -21.85
CA LEU B 74 -23.96 -15.14 -20.94
C LEU B 74 -22.78 -14.50 -21.60
N LEU B 75 -22.09 -13.62 -20.87
CA LEU B 75 -20.78 -13.13 -21.26
C LEU B 75 -19.70 -13.83 -20.45
N VAL B 76 -18.77 -14.49 -21.15
CA VAL B 76 -17.62 -15.12 -20.53
C VAL B 76 -16.41 -14.20 -20.76
N GLY B 77 -15.89 -13.65 -19.67
CA GLY B 77 -14.72 -12.80 -19.74
C GLY B 77 -13.42 -13.58 -19.67
N GLY B 78 -12.53 -13.27 -20.59
CA GLY B 78 -11.23 -13.89 -20.63
C GLY B 78 -10.15 -13.07 -19.91
N THR B 79 -8.98 -13.06 -20.51
CA THR B 79 -7.82 -12.43 -19.90
C THR B 79 -7.90 -10.88 -19.99
N ASN B 80 -7.05 -10.26 -19.16
CA ASN B 80 -6.77 -8.83 -19.12
C ASN B 80 -7.76 -8.11 -18.23
N SER B 81 -7.32 -7.74 -17.04
CA SER B 81 -8.22 -7.18 -16.04
C SER B 81 -8.84 -5.83 -16.42
N ALA B 82 -8.14 -5.08 -17.28
CA ALA B 82 -8.68 -3.80 -17.77
C ALA B 82 -9.94 -4.05 -18.59
N THR B 83 -9.87 -5.05 -19.46
CA THR B 83 -11.03 -5.49 -20.26
C THR B 83 -12.05 -6.16 -19.36
N ALA B 84 -11.61 -6.88 -18.34
CA ALA B 84 -12.55 -7.47 -17.38
C ALA B 84 -13.42 -6.44 -16.70
N LEU B 85 -12.81 -5.33 -16.30
CA LEU B 85 -13.51 -4.28 -15.59
C LEU B 85 -14.42 -3.47 -16.52
N SER B 86 -14.00 -3.25 -17.77
CA SER B 86 -14.89 -2.52 -18.68
C SER B 86 -16.11 -3.37 -19.08
N ASN B 88 -17.33 -5.79 -17.17
CA ASN B 88 -18.07 -5.81 -15.91
C ASN B 88 -19.05 -4.63 -15.79
N GLN B 89 -18.61 -3.43 -16.17
CA GLN B 89 -19.46 -2.24 -16.11
C GLN B 89 -20.69 -2.39 -17.05
N VAL B 90 -20.45 -2.88 -18.26
CA VAL B 90 -21.55 -3.09 -19.22
C VAL B 90 -22.55 -4.13 -18.68
N ALA B 91 -22.04 -5.24 -18.18
CA ALA B 91 -22.92 -6.30 -17.62
C ALA B 91 -23.78 -5.80 -16.48
N ALA B 92 -23.19 -4.98 -15.62
CA ALA B 92 -23.91 -4.39 -14.52
C ALA B 92 -24.96 -3.43 -15.06
N GLU B 93 -24.61 -2.66 -16.10
CA GLU B 93 -25.54 -1.69 -16.71
C GLU B 93 -26.74 -2.40 -17.36
N LYS B 94 -26.47 -3.48 -18.09
CA LYS B 94 -27.49 -4.14 -18.87
C LYS B 94 -28.14 -5.30 -18.12
N LYS B 95 -27.73 -5.54 -16.86
CA LYS B 95 -28.27 -6.65 -16.05
C LYS B 95 -28.17 -8.03 -16.72
N LYS B 96 -26.95 -8.38 -17.12
CA LYS B 96 -26.67 -9.61 -17.84
C LYS B 96 -25.59 -10.42 -17.14
N VAL B 97 -25.77 -11.75 -17.10
CA VAL B 97 -24.89 -12.64 -16.37
C VAL B 97 -23.49 -12.59 -17.01
N TYR B 98 -22.48 -12.37 -16.17
CA TYR B 98 -21.10 -12.15 -16.60
C TYR B 98 -20.20 -13.04 -15.74
N ILE B 99 -19.51 -14.00 -16.35
CA ILE B 99 -18.61 -14.87 -15.60
C ILE B 99 -17.20 -14.63 -16.15
N ASN B 100 -16.32 -14.13 -15.29
CA ASN B 100 -14.96 -13.89 -15.71
C ASN B 100 -14.04 -14.98 -15.21
N ILE B 101 -13.28 -15.52 -16.14
CA ILE B 101 -12.30 -16.58 -15.84
C ILE B 101 -10.87 -16.06 -15.89
N GLY B 102 -10.51 -15.46 -17.02
CA GLY B 102 -9.09 -15.23 -17.33
C GLY B 102 -8.40 -14.12 -16.55
N ALA B 103 -9.18 -13.17 -16.07
CA ALA B 103 -8.64 -11.97 -15.43
C ALA B 103 -8.53 -12.17 -13.94
N GLY B 104 -7.55 -11.52 -13.33
CA GLY B 104 -7.32 -11.71 -11.91
C GLY B 104 -7.77 -10.64 -10.91
N ALA B 105 -7.89 -9.38 -11.35
CA ALA B 105 -8.10 -8.26 -10.39
C ALA B 105 -9.24 -8.55 -9.41
N ASP B 106 -8.90 -8.49 -8.12
CA ASP B 106 -9.86 -8.77 -7.06
C ASP B 106 -10.89 -7.65 -6.92
N THR B 107 -10.62 -6.56 -7.61
CA THR B 107 -11.59 -5.47 -7.79
C THR B 107 -12.96 -5.95 -8.26
N LEU B 108 -12.97 -7.02 -9.04
CA LEU B 108 -14.20 -7.53 -9.63
C LEU B 108 -15.23 -8.00 -8.61
N THR B 109 -14.78 -8.40 -7.42
CA THR B 109 -15.66 -8.83 -6.35
C THR B 109 -15.52 -7.94 -5.10
N ASN B 110 -14.94 -6.77 -5.30
CA ASN B 110 -14.71 -5.84 -4.21
C ASN B 110 -15.21 -4.44 -4.58
N GLU B 111 -14.31 -3.49 -4.90
CA GLU B 111 -14.72 -2.12 -5.21
C GLU B 111 -15.66 -1.99 -6.42
N GLN B 112 -15.55 -2.93 -7.37
CA GLN B 112 -16.44 -2.96 -8.52
C GLN B 112 -17.36 -4.21 -8.58
N CYS B 113 -17.72 -4.76 -7.42
CA CYS B 113 -18.59 -5.94 -7.37
C CYS B 113 -19.96 -5.55 -7.91
N THR B 114 -20.62 -6.51 -8.57
CA THR B 114 -21.95 -6.27 -9.14
C THR B 114 -22.82 -7.50 -8.82
N PRO B 115 -24.15 -7.37 -8.89
CA PRO B 115 -25.02 -8.53 -8.63
C PRO B 115 -25.08 -9.52 -9.77
N TYR B 116 -24.40 -9.23 -10.88
CA TYR B 116 -24.45 -10.04 -12.09
C TYR B 116 -23.07 -10.61 -12.45
N THR B 117 -22.13 -10.58 -11.51
CA THR B 117 -20.74 -10.93 -11.82
C THR B 117 -20.31 -12.20 -11.05
N VAL B 118 -19.64 -13.12 -11.73
CA VAL B 118 -19.02 -14.27 -11.08
C VAL B 118 -17.56 -14.23 -11.48
N HIS B 119 -16.68 -14.32 -10.47
CA HIS B 119 -15.26 -14.43 -10.70
C HIS B 119 -14.88 -15.88 -10.40
N TYR B 120 -14.60 -16.63 -11.47
CA TYR B 120 -14.67 -18.11 -11.39
C TYR B 120 -13.41 -18.89 -10.98
N ALA B 121 -12.25 -18.49 -11.49
CA ALA B 121 -11.05 -19.35 -11.45
C ALA B 121 -10.03 -19.01 -10.38
N TYR B 122 -9.68 -17.72 -10.29
CA TYR B 122 -8.65 -17.28 -9.33
C TYR B 122 -8.84 -15.78 -9.16
N ASP B 123 -8.18 -15.19 -8.17
CA ASP B 123 -8.01 -13.75 -8.20
C ASP B 123 -6.69 -13.36 -7.55
N THR B 124 -6.38 -12.05 -7.58
CA THR B 124 -5.11 -11.56 -7.06
C THR B 124 -4.95 -11.75 -5.55
N ALA B 126 -6.03 -14.42 -3.89
CA ALA B 126 -5.63 -15.84 -3.72
C ALA B 126 -4.17 -16.03 -4.06
N LEU B 127 -3.72 -15.36 -5.10
CA LEU B 127 -2.34 -15.45 -5.51
C LEU B 127 -1.40 -14.92 -4.45
N ALA B 128 -1.74 -13.76 -3.92
CA ALA B 128 -1.02 -13.15 -2.82
C ALA B 128 -0.98 -14.03 -1.59
N LYS B 129 -2.14 -14.53 -1.19
CA LYS B 129 -2.26 -15.36 0.02
C LYS B 129 -1.48 -16.69 -0.11
N GLY B 130 -1.48 -17.28 -1.29
CA GLY B 130 -0.72 -18.52 -1.54
C GLY B 130 0.77 -18.24 -1.60
N THR B 131 1.17 -17.59 -2.68
CA THR B 131 2.59 -17.39 -2.98
C THR B 131 3.31 -16.39 -2.09
N GLY B 132 2.67 -15.24 -1.84
CA GLY B 132 3.20 -14.25 -0.91
C GLY B 132 3.48 -14.81 0.47
N SER B 133 2.47 -15.44 1.06
CA SER B 133 2.64 -16.05 2.38
C SER B 133 3.77 -17.06 2.39
N ALA B 134 3.76 -17.97 1.43
CA ALA B 134 4.77 -19.05 1.40
C ALA B 134 6.20 -18.52 1.29
N VAL B 135 6.41 -17.56 0.42
CA VAL B 135 7.76 -17.01 0.20
C VAL B 135 8.24 -16.29 1.44
N VAL B 136 7.36 -15.48 2.05
CA VAL B 136 7.72 -14.80 3.29
C VAL B 136 8.06 -15.81 4.37
N LYS B 137 7.23 -16.85 4.51
CA LYS B 137 7.51 -17.90 5.51
C LYS B 137 8.81 -18.69 5.25
N GLN B 138 9.27 -18.72 4.00
CA GLN B 138 10.54 -19.37 3.63
C GLN B 138 11.73 -18.40 3.82
N GLY B 139 11.49 -17.23 4.41
CA GLY B 139 12.56 -16.26 4.70
C GLY B 139 12.73 -15.13 3.68
N GLY B 140 11.84 -15.07 2.67
CA GLY B 140 11.84 -13.99 1.71
C GLY B 140 11.14 -12.79 2.31
N LYS B 141 11.87 -12.03 3.10
CA LYS B 141 11.28 -10.97 3.89
C LYS B 141 11.22 -9.61 3.20
N THR B 142 12.24 -9.26 2.41
CA THR B 142 12.24 -7.96 1.71
C THR B 142 11.92 -8.13 0.23
N TRP B 143 10.98 -7.31 -0.24
CA TRP B 143 10.43 -7.42 -1.59
C TRP B 143 10.58 -6.15 -2.40
N PHE B 144 10.81 -6.32 -3.69
CA PHE B 144 10.64 -5.23 -4.65
C PHE B 144 9.77 -5.75 -5.79
N PHE B 145 8.79 -4.95 -6.21
CA PHE B 145 7.85 -5.43 -7.25
C PHE B 145 8.16 -4.93 -8.65
N LEU B 146 8.04 -5.85 -9.61
CA LEU B 146 8.01 -5.48 -11.00
C LEU B 146 6.55 -5.62 -11.44
N THR B 147 5.92 -4.51 -11.78
CA THR B 147 4.45 -4.46 -11.83
C THR B 147 3.96 -4.02 -13.20
N ALA B 148 3.07 -4.80 -13.81
CA ALA B 148 2.47 -4.38 -15.07
C ALA B 148 1.58 -3.14 -14.85
N ASP B 149 1.76 -2.12 -15.71
CA ASP B 149 1.15 -0.82 -15.50
C ASP B 149 -0.32 -0.79 -15.98
N TYR B 150 -1.15 -1.60 -15.32
CA TYR B 150 -2.61 -1.58 -15.51
C TYR B 150 -3.28 -2.25 -14.33
N ALA B 151 -4.60 -2.37 -14.39
CA ALA B 151 -5.41 -2.77 -13.22
C ALA B 151 -4.93 -4.08 -12.57
N PHE B 152 -4.53 -5.05 -13.40
CA PHE B 152 -4.08 -6.35 -12.89
C PHE B 152 -2.83 -6.20 -12.01
N GLY B 153 -1.81 -5.55 -12.57
CA GLY B 153 -0.57 -5.33 -11.86
C GLY B 153 -0.79 -4.58 -10.58
N LYS B 154 -1.57 -3.52 -10.63
CA LYS B 154 -1.77 -2.69 -9.46
C LYS B 154 -2.50 -3.47 -8.35
N ALA B 155 -3.49 -4.27 -8.73
CA ALA B 155 -4.26 -5.05 -7.73
C ALA B 155 -3.38 -6.13 -7.11
N LEU B 156 -2.63 -6.85 -7.95
CA LEU B 156 -1.75 -7.90 -7.49
C LEU B 156 -0.62 -7.36 -6.61
N GLU B 157 -0.02 -6.25 -7.00
CA GLU B 157 1.03 -5.65 -6.15
C GLU B 157 0.43 -5.28 -4.79
N LYS B 158 -0.76 -4.70 -4.80
CA LYS B 158 -1.36 -4.24 -3.55
C LYS B 158 -1.68 -5.43 -2.63
N ASN B 159 -2.32 -6.46 -3.18
CA ASN B 159 -2.68 -7.63 -2.39
C ASN B 159 -1.42 -8.28 -1.81
N THR B 160 -0.39 -8.42 -2.65
CA THR B 160 0.83 -9.13 -2.23
C THR B 160 1.62 -8.28 -1.22
N ALA B 161 1.72 -6.97 -1.45
CA ALA B 161 2.37 -6.08 -0.46
C ALA B 161 1.71 -6.19 0.89
N ASP B 162 0.38 -6.26 0.92
CA ASP B 162 -0.34 -6.37 2.17
C ASP B 162 -0.05 -7.68 2.88
N VAL B 163 -0.04 -8.77 2.12
CA VAL B 163 0.27 -10.09 2.67
C VAL B 163 1.69 -10.12 3.23
N VAL B 164 2.64 -9.55 2.48
CA VAL B 164 4.04 -9.52 2.89
C VAL B 164 4.17 -8.80 4.23
N LYS B 165 3.55 -7.63 4.32
CA LYS B 165 3.63 -6.84 5.54
C LYS B 165 2.96 -7.53 6.74
N ALA B 166 1.80 -8.15 6.50
CA ALA B 166 1.07 -8.86 7.53
C ALA B 166 1.87 -10.03 8.07
N ASN B 167 2.73 -10.59 7.24
CA ASN B 167 3.59 -11.67 7.68
C ASN B 167 5.00 -11.26 8.13
N GLY B 168 5.21 -9.99 8.43
CA GLY B 168 6.45 -9.54 8.98
C GLY B 168 7.48 -9.08 7.96
N GLY B 169 7.12 -9.08 6.68
CA GLY B 169 8.03 -8.66 5.61
C GLY B 169 8.02 -7.16 5.39
N LYS B 170 8.86 -6.70 4.47
CA LYS B 170 8.99 -5.29 4.15
C LYS B 170 9.02 -5.12 2.65
N VAL B 171 8.29 -4.11 2.17
CA VAL B 171 8.23 -3.80 0.73
C VAL B 171 9.09 -2.59 0.45
N LEU B 172 10.14 -2.77 -0.31
CA LEU B 172 11.13 -1.72 -0.53
C LEU B 172 10.80 -0.81 -1.70
N GLY B 173 9.81 -1.20 -2.50
CA GLY B 173 9.41 -0.41 -3.64
C GLY B 173 8.83 -1.21 -4.79
N GLU B 174 8.55 -0.50 -5.88
CA GLU B 174 8.09 -1.13 -7.11
C GLU B 174 8.52 -0.29 -8.31
N VAL B 175 8.52 -0.96 -9.47
CA VAL B 175 8.72 -0.33 -10.75
C VAL B 175 7.67 -0.85 -11.70
N ARG B 176 7.06 0.07 -12.47
CA ARG B 176 5.98 -0.28 -13.40
C ARG B 176 6.48 -0.38 -14.80
N HIS B 177 5.91 -1.33 -15.55
CA HIS B 177 6.29 -1.53 -16.93
C HIS B 177 5.04 -1.60 -17.80
N PRO B 178 5.15 -1.20 -19.08
CA PRO B 178 4.02 -1.34 -19.97
C PRO B 178 3.63 -2.80 -20.12
N LEU B 179 2.35 -3.03 -20.36
CA LEU B 179 1.89 -4.36 -20.77
C LEU B 179 2.63 -4.79 -22.04
N SER B 180 3.07 -6.04 -22.08
CA SER B 180 3.80 -6.59 -23.20
C SER B 180 5.07 -5.78 -23.49
N ALA B 181 5.84 -5.48 -22.45
CA ALA B 181 7.05 -4.66 -22.59
C ALA B 181 8.11 -5.35 -23.46
N SER B 182 8.82 -4.55 -24.28
CA SER B 182 9.84 -5.07 -25.18
C SER B 182 11.23 -5.17 -24.54
N ASP B 183 11.44 -4.55 -23.36
CA ASP B 183 12.75 -4.59 -22.73
C ASP B 183 12.56 -4.41 -21.21
N PHE B 184 12.98 -5.43 -20.47
CA PHE B 184 12.90 -5.37 -19.02
C PHE B 184 14.18 -4.93 -18.31
N SER B 185 15.24 -4.67 -19.05
CA SER B 185 16.53 -4.53 -18.45
C SER B 185 16.62 -3.39 -17.42
N SER B 186 16.14 -2.20 -17.77
CA SER B 186 16.25 -1.08 -16.82
C SER B 186 15.41 -1.31 -15.56
N PHE B 187 14.19 -1.78 -15.74
CA PHE B 187 13.29 -2.06 -14.61
C PHE B 187 13.90 -3.09 -13.68
N LEU B 188 14.53 -4.12 -14.25
CA LEU B 188 15.19 -5.16 -13.44
C LEU B 188 16.41 -4.62 -12.68
N LEU B 189 17.22 -3.79 -13.36
CA LEU B 189 18.37 -3.19 -12.69
C LEU B 189 17.92 -2.28 -11.53
N GLN B 190 16.80 -1.58 -11.71
CA GLN B 190 16.25 -0.71 -10.67
C GLN B 190 15.80 -1.57 -9.49
N ALA B 191 15.12 -2.66 -9.79
CA ALA B 191 14.65 -3.57 -8.72
C ALA B 191 15.82 -4.13 -7.94
N GLN B 192 16.85 -4.56 -8.66
CA GLN B 192 18.04 -5.11 -8.04
C GLN B 192 18.74 -4.09 -7.13
N SER B 193 18.78 -2.82 -7.54
CA SER B 193 19.46 -1.81 -6.75
C SER B 193 18.83 -1.63 -5.36
N SER B 194 17.56 -2.01 -5.19
CA SER B 194 16.91 -1.91 -3.86
C SER B 194 17.53 -2.81 -2.81
N LYS B 195 18.22 -3.85 -3.27
CA LYS B 195 18.82 -4.91 -2.44
C LYS B 195 17.78 -5.81 -1.78
N ALA B 196 16.55 -5.75 -2.26
CA ALA B 196 15.52 -6.69 -1.83
C ALA B 196 15.93 -8.14 -2.06
N GLN B 197 15.47 -9.02 -1.19
CA GLN B 197 15.63 -10.48 -1.35
C GLN B 197 14.80 -11.07 -2.45
N ILE B 198 13.58 -10.53 -2.63
CA ILE B 198 12.57 -11.10 -3.52
C ILE B 198 12.15 -10.09 -4.55
N LEU B 199 12.20 -10.49 -5.80
CA LEU B 199 11.61 -9.74 -6.91
C LEU B 199 10.22 -10.33 -7.15
N GLY B 200 9.19 -9.58 -6.78
CA GLY B 200 7.82 -9.97 -7.00
C GLY B 200 7.38 -9.59 -8.39
N LEU B 201 7.00 -10.60 -9.18
CA LEU B 201 6.57 -10.39 -10.55
C LEU B 201 5.07 -10.20 -10.58
N ALA B 202 4.63 -8.95 -10.42
CA ALA B 202 3.21 -8.60 -10.49
C ALA B 202 2.83 -8.35 -11.95
N ASN B 203 2.93 -9.41 -12.74
CA ASN B 203 2.64 -9.41 -14.16
C ASN B 203 2.27 -10.83 -14.59
N ALA B 204 2.03 -11.05 -15.86
CA ALA B 204 1.54 -12.35 -16.29
C ALA B 204 1.95 -12.67 -17.74
N GLY B 205 1.73 -13.92 -18.14
CA GLY B 205 1.85 -14.34 -19.53
C GLY B 205 3.22 -14.05 -20.11
N GLY B 206 3.23 -13.51 -21.32
CA GLY B 206 4.47 -13.18 -21.98
C GLY B 206 5.36 -12.21 -21.23
N ASP B 207 4.75 -11.32 -20.42
CA ASP B 207 5.56 -10.42 -19.57
C ASP B 207 6.33 -11.19 -18.47
N THR B 208 5.68 -12.16 -17.84
CA THR B 208 6.36 -12.98 -16.86
C THR B 208 7.49 -13.76 -17.53
N VAL B 209 7.19 -14.35 -18.69
CA VAL B 209 8.18 -15.13 -19.45
C VAL B 209 9.36 -14.27 -19.81
N ASN B 210 9.09 -13.15 -20.46
CA ASN B 210 10.19 -12.24 -20.88
C ASN B 210 11.01 -11.64 -19.73
N ALA B 211 10.33 -11.31 -18.65
CA ALA B 211 11.00 -10.77 -17.45
C ALA B 211 11.91 -11.81 -16.82
N ILE B 212 11.45 -13.06 -16.75
CA ILE B 212 12.29 -14.12 -16.16
C ILE B 212 13.52 -14.38 -17.05
N LYS B 213 13.30 -14.41 -18.35
CA LYS B 213 14.43 -14.65 -19.29
C LYS B 213 15.46 -13.51 -19.15
N ALA B 214 14.98 -12.28 -19.01
CA ALA B 214 15.86 -11.11 -18.85
C ALA B 214 16.58 -11.13 -17.49
N ALA B 215 15.87 -11.57 -16.46
CA ALA B 215 16.44 -11.63 -15.13
C ALA B 215 17.63 -12.59 -15.13
N LYS B 216 17.51 -13.70 -15.85
CA LYS B 216 18.54 -14.71 -15.92
C LYS B 216 19.68 -14.14 -16.78
N GLU B 217 19.34 -13.56 -17.92
CA GLU B 217 20.34 -13.02 -18.84
C GLU B 217 21.22 -11.94 -18.20
N PHE B 218 20.63 -11.03 -17.44
CA PHE B 218 21.38 -9.95 -16.85
C PHE B 218 21.84 -10.22 -15.41
N GLY B 219 21.85 -11.49 -15.01
CA GLY B 219 22.34 -11.93 -13.69
C GLY B 219 21.56 -11.42 -12.49
N ILE B 220 20.31 -10.99 -12.70
CA ILE B 220 19.48 -10.50 -11.59
C ILE B 220 19.23 -11.64 -10.60
N THR B 221 19.10 -12.85 -11.11
CA THR B 221 18.83 -14.05 -10.32
C THR B 221 20.04 -14.49 -9.45
N LYS B 222 21.21 -13.90 -9.71
CA LYS B 222 22.36 -14.05 -8.83
C LYS B 222 22.20 -13.37 -7.48
N THR B 223 21.38 -12.31 -7.38
CA THR B 223 21.22 -11.55 -6.12
C THR B 223 19.81 -11.52 -5.57
N LYS B 225 15.80 -13.71 -5.48
CA LYS B 225 14.91 -14.81 -5.83
C LYS B 225 13.66 -14.26 -6.50
N LEU B 226 13.18 -14.93 -7.55
CA LEU B 226 11.96 -14.49 -8.25
C LEU B 226 10.73 -15.10 -7.56
N ALA B 227 9.69 -14.28 -7.34
CA ALA B 227 8.37 -14.76 -6.94
C ALA B 227 7.43 -14.52 -8.15
N ALA B 228 7.10 -15.60 -8.88
CA ALA B 228 6.21 -15.48 -10.03
C ALA B 228 4.80 -15.57 -9.48
N LEU B 229 4.21 -14.41 -9.29
CA LEU B 229 2.93 -14.31 -8.63
C LEU B 229 1.80 -14.86 -9.50
N LEU B 230 1.96 -14.84 -10.81
CA LEU B 230 1.00 -15.53 -11.70
C LEU B 230 1.73 -16.24 -12.81
N PHE B 232 1.17 -19.74 -15.34
CA PHE B 232 0.35 -20.84 -15.82
C PHE B 232 1.21 -21.88 -16.49
N ILE B 233 0.59 -23.03 -16.81
CA ILE B 233 1.37 -24.15 -17.34
C ILE B 233 2.10 -23.74 -18.65
N ASN B 234 1.46 -22.95 -19.49
CA ASN B 234 2.11 -22.50 -20.74
C ASN B 234 3.36 -21.64 -20.56
N ASP B 235 3.40 -20.86 -19.50
CA ASP B 235 4.57 -20.01 -19.13
C ASP B 235 5.75 -20.91 -18.71
N VAL B 236 5.46 -21.94 -17.93
CA VAL B 236 6.49 -22.95 -17.63
C VAL B 236 6.99 -23.63 -18.90
N HIS B 237 6.06 -24.00 -19.80
CA HIS B 237 6.43 -24.68 -21.03
C HIS B 237 7.38 -23.78 -21.85
N ALA B 238 7.08 -22.48 -21.90
CA ALA B 238 7.89 -21.50 -22.64
C ALA B 238 9.29 -21.32 -22.09
N LEU B 239 9.41 -21.29 -20.78
CA LEU B 239 10.68 -21.04 -20.15
C LEU B 239 11.55 -22.29 -20.07
N GLY B 240 10.91 -23.43 -19.87
CA GLY B 240 11.63 -24.67 -19.58
C GLY B 240 11.82 -24.89 -18.08
N LEU B 241 11.87 -26.16 -17.68
CA LEU B 241 12.08 -26.51 -16.27
C LEU B 241 13.49 -26.17 -15.77
N GLU B 242 14.48 -26.20 -16.64
CA GLU B 242 15.81 -25.85 -16.20
C GLU B 242 15.78 -24.42 -15.56
N THR B 243 15.06 -23.51 -16.20
CA THR B 243 14.99 -22.11 -15.73
C THR B 243 14.02 -21.95 -14.55
N THR B 244 12.89 -22.65 -14.59
CA THR B 244 11.81 -22.43 -13.61
C THR B 244 11.81 -23.36 -12.41
N GLN B 245 12.65 -24.40 -12.40
CA GLN B 245 12.73 -25.30 -11.24
C GLN B 245 12.82 -24.55 -9.92
N GLY B 246 12.00 -24.97 -8.97
CA GLY B 246 11.99 -24.47 -7.64
C GLY B 246 11.12 -23.25 -7.40
N LEU B 247 10.62 -22.63 -8.47
CA LEU B 247 9.66 -21.55 -8.27
C LEU B 247 8.39 -22.09 -7.59
N VAL B 248 7.88 -21.27 -6.68
CA VAL B 248 6.66 -21.56 -5.98
C VAL B 248 5.53 -20.73 -6.61
N LEU B 249 4.42 -21.37 -6.90
CA LEU B 249 3.29 -20.66 -7.50
C LEU B 249 1.97 -21.13 -6.94
N THR B 250 0.92 -20.35 -7.20
CA THR B 250 -0.44 -20.69 -6.80
C THR B 250 -1.28 -20.83 -8.06
N ASP B 251 -2.00 -21.94 -8.19
CA ASP B 251 -2.89 -22.12 -9.34
C ASP B 251 -4.12 -22.87 -8.86
N SER B 252 -5.15 -22.83 -9.69
CA SER B 252 -6.44 -23.37 -9.30
C SER B 252 -6.67 -24.80 -9.76
N TRP B 253 -5.85 -25.30 -10.68
CA TRP B 253 -6.11 -26.63 -11.29
C TRP B 253 -4.85 -27.04 -12.01
N TYR B 254 -4.65 -28.34 -12.15
CA TYR B 254 -3.54 -28.87 -12.92
CA TYR B 254 -3.51 -28.90 -12.83
C TYR B 254 -3.96 -30.19 -13.52
N TRP B 255 -3.50 -30.43 -14.75
CA TRP B 255 -4.05 -31.51 -15.57
C TRP B 255 -3.83 -32.87 -14.93
N ASN B 256 -2.74 -33.05 -14.19
CA ASN B 256 -2.41 -34.38 -13.67
CA ASN B 256 -2.34 -34.34 -13.64
C ASN B 256 -2.83 -34.62 -12.22
N ARG B 257 -3.79 -33.84 -11.73
CA ARG B 257 -4.28 -34.00 -10.36
C ARG B 257 -4.84 -35.35 -10.09
N ASP B 258 -5.77 -35.80 -10.93
CA ASP B 258 -6.44 -37.08 -10.69
C ASP B 258 -7.00 -37.62 -11.98
N GLN B 259 -7.69 -38.74 -11.93
CA GLN B 259 -8.19 -39.37 -13.15
C GLN B 259 -9.15 -38.42 -13.85
N ALA B 260 -10.03 -37.72 -13.11
CA ALA B 260 -11.01 -36.84 -13.78
C ALA B 260 -10.30 -35.68 -14.52
N SER B 261 -9.30 -35.08 -13.90
CA SER B 261 -8.55 -33.98 -14.56
C SER B 261 -7.80 -34.49 -15.78
N ARG B 262 -7.17 -35.64 -15.62
CA ARG B 262 -6.41 -36.22 -16.71
CA ARG B 262 -6.40 -36.26 -16.70
C ARG B 262 -7.30 -36.59 -17.87
N GLN B 263 -8.45 -37.17 -17.60
CA GLN B 263 -9.33 -37.57 -18.69
C GLN B 263 -9.89 -36.37 -19.46
N TRP B 264 -10.23 -35.31 -18.76
CA TRP B 264 -10.68 -34.12 -19.44
C TRP B 264 -9.53 -33.55 -20.29
N ALA B 265 -8.32 -33.52 -19.74
CA ALA B 265 -7.17 -32.96 -20.45
C ALA B 265 -6.88 -33.78 -21.68
N GLN B 266 -7.14 -35.09 -21.63
CA GLN B 266 -6.95 -35.93 -22.82
C GLN B 266 -7.89 -35.51 -23.96
N ARG B 267 -9.12 -35.15 -23.60
CA ARG B 267 -10.09 -34.68 -24.58
C ARG B 267 -9.69 -33.33 -25.18
N TYR B 268 -9.15 -32.45 -24.33
CA TYR B 268 -8.61 -31.16 -24.74
C TYR B 268 -7.41 -31.32 -25.67
N PHE B 269 -6.49 -32.18 -25.26
CA PHE B 269 -5.28 -32.41 -26.04
C PHE B 269 -5.60 -33.01 -27.41
N ALA B 270 -6.58 -33.91 -27.46
CA ALA B 270 -7.00 -34.50 -28.74
C ALA B 270 -7.35 -33.42 -29.78
N LYS B 271 -7.87 -32.28 -29.30
CA LYS B 271 -8.20 -31.16 -30.16
C LYS B 271 -7.07 -30.14 -30.32
N LYS B 273 -3.70 -30.25 -28.96
CA LYS B 273 -2.30 -30.70 -28.90
C LYS B 273 -1.39 -29.97 -27.90
N LYS B 274 -1.97 -29.45 -26.83
CA LYS B 274 -1.26 -28.91 -25.70
C LYS B 274 -2.05 -29.33 -24.47
N PRO B 276 -4.08 -28.42 -21.27
CA PRO B 276 -4.82 -27.22 -20.91
C PRO B 276 -4.27 -26.53 -19.69
N SER B 277 -4.34 -25.21 -19.70
CA SER B 277 -4.13 -24.41 -18.51
C SER B 277 -5.34 -24.46 -17.58
N SER B 278 -5.16 -23.94 -16.39
CA SER B 278 -6.24 -23.83 -15.45
C SER B 278 -7.36 -22.92 -15.99
N LEU B 279 -7.01 -21.93 -16.82
CA LEU B 279 -8.04 -21.04 -17.39
C LEU B 279 -8.88 -21.78 -18.43
N GLN B 280 -8.25 -22.61 -19.26
CA GLN B 280 -8.98 -23.35 -20.27
C GLN B 280 -9.92 -24.37 -19.62
N ALA B 281 -9.45 -24.99 -18.54
CA ALA B 281 -10.28 -25.90 -17.72
C ALA B 281 -11.45 -25.14 -17.12
N ALA B 282 -11.15 -23.98 -16.56
CA ALA B 282 -12.16 -23.18 -15.89
C ALA B 282 -13.23 -22.67 -16.88
N ASP B 283 -12.81 -22.34 -18.11
CA ASP B 283 -13.73 -21.89 -19.19
C ASP B 283 -14.79 -22.96 -19.43
N TYR B 284 -14.37 -24.21 -19.57
CA TYR B 284 -15.30 -25.32 -19.75
C TYR B 284 -16.24 -25.44 -18.56
N SER B 285 -15.65 -25.46 -17.35
CA SER B 285 -16.41 -25.69 -16.13
C SER B 285 -17.46 -24.58 -15.93
N SER B 286 -17.07 -23.35 -16.16
CA SER B 286 -17.94 -22.22 -15.92
C SER B 286 -19.21 -22.30 -16.84
N VAL B 287 -19.01 -22.76 -18.06
CA VAL B 287 -20.12 -22.94 -19.00
C VAL B 287 -21.08 -24.05 -18.52
N THR B 288 -20.52 -25.18 -18.08
CA THR B 288 -21.33 -26.25 -17.49
C THR B 288 -22.14 -25.72 -16.31
N THR B 289 -21.48 -24.96 -15.45
CA THR B 289 -22.13 -24.37 -14.28
C THR B 289 -23.27 -23.43 -14.67
N TYR B 290 -23.03 -22.54 -15.64
CA TYR B 290 -24.07 -21.67 -16.18
C TYR B 290 -25.26 -22.48 -16.72
N LEU B 291 -24.97 -23.47 -17.57
CA LEU B 291 -26.02 -24.25 -18.22
C LEU B 291 -26.84 -25.07 -17.22
N LYS B 292 -26.21 -25.57 -16.18
CA LYS B 292 -26.96 -26.23 -15.08
C LYS B 292 -27.85 -25.24 -14.33
N ALA B 293 -27.40 -24.00 -14.17
CA ALA B 293 -28.20 -22.99 -13.49
C ALA B 293 -29.44 -22.59 -14.33
N VAL B 294 -29.26 -22.42 -15.64
CA VAL B 294 -30.36 -22.14 -16.57
C VAL B 294 -31.40 -23.27 -16.54
N GLN B 295 -30.92 -24.51 -16.57
CA GLN B 295 -31.75 -25.69 -16.44
C GLN B 295 -32.51 -25.69 -15.13
N ALA B 296 -31.84 -25.42 -14.01
CA ALA B 296 -32.51 -25.44 -12.71
C ALA B 296 -33.52 -24.28 -12.65
N ALA B 297 -33.13 -23.13 -13.18
CA ALA B 297 -34.01 -21.95 -13.22
C ALA B 297 -35.19 -22.07 -14.19
N GLY B 298 -35.08 -22.97 -15.18
CA GLY B 298 -35.99 -23.01 -16.32
C GLY B 298 -36.09 -21.72 -17.13
N SER B 299 -35.01 -20.96 -17.16
CA SER B 299 -35.03 -19.63 -17.74
C SER B 299 -33.61 -19.10 -17.90
N THR B 300 -33.41 -18.21 -18.87
CA THR B 300 -32.16 -17.43 -19.00
C THR B 300 -32.23 -16.05 -18.31
N ASP B 301 -33.38 -15.72 -17.71
CA ASP B 301 -33.57 -14.45 -17.01
C ASP B 301 -32.43 -14.24 -16.02
N SER B 302 -31.78 -13.07 -16.10
CA SER B 302 -30.54 -12.88 -15.38
C SER B 302 -30.70 -12.93 -13.86
N ASP B 303 -31.79 -12.38 -13.31
CA ASP B 303 -31.98 -12.50 -11.87
C ASP B 303 -32.24 -13.97 -11.46
N LYS B 304 -33.01 -14.70 -12.23
CA LYS B 304 -33.30 -16.11 -11.90
C LYS B 304 -32.04 -16.96 -11.97
N VAL B 305 -31.21 -16.69 -12.97
CA VAL B 305 -29.95 -17.46 -13.15
C VAL B 305 -28.94 -17.12 -12.04
N ALA B 307 -29.60 -16.11 -9.08
CA ALA B 307 -30.15 -16.77 -7.89
C ALA B 307 -29.78 -18.26 -7.86
N GLN B 308 -29.98 -18.99 -8.96
CA GLN B 308 -29.56 -20.40 -9.00
C GLN B 308 -28.03 -20.56 -8.84
N LEU B 309 -27.25 -19.72 -9.53
CA LEU B 309 -25.79 -19.78 -9.47
C LEU B 309 -25.31 -19.68 -8.02
N LYS B 310 -25.96 -18.84 -7.22
CA LYS B 310 -25.55 -18.62 -5.84
C LYS B 310 -26.22 -19.55 -4.85
N LYS B 311 -27.01 -20.48 -5.36
CA LYS B 311 -27.69 -21.48 -4.57
C LYS B 311 -27.05 -22.86 -4.69
N LYS B 313 -24.32 -25.93 -5.51
CA LYS B 313 -22.92 -26.30 -5.40
C LYS B 313 -22.35 -26.63 -6.78
N ILE B 314 -21.06 -26.38 -6.92
CA ILE B 314 -20.32 -26.80 -8.14
C ILE B 314 -19.53 -28.05 -7.79
N ASP B 315 -19.62 -29.05 -8.66
CA ASP B 315 -18.86 -30.27 -8.47
C ASP B 315 -18.55 -30.92 -9.82
N ASP B 316 -17.34 -30.67 -10.35
CA ASP B 316 -16.96 -31.26 -11.63
C ASP B 316 -15.45 -31.55 -11.65
N PHE B 317 -14.90 -31.92 -12.81
CA PHE B 317 -13.49 -32.27 -12.96
C PHE B 317 -12.57 -31.07 -12.63
N TYR B 318 -13.13 -29.86 -12.71
CA TYR B 318 -12.38 -28.63 -12.38
C TYR B 318 -12.34 -28.31 -10.89
N ALA B 319 -13.49 -28.28 -10.23
CA ALA B 319 -13.50 -27.93 -8.85
C ALA B 319 -14.77 -28.38 -8.15
N LYS B 320 -14.68 -28.43 -6.83
CA LYS B 320 -15.85 -28.40 -5.95
C LYS B 320 -15.86 -27.03 -5.31
N GLY B 321 -17.03 -26.41 -5.30
CA GLY B 321 -17.19 -25.18 -4.58
C GLY B 321 -18.56 -24.55 -4.70
N TYR B 322 -18.60 -23.24 -4.46
CA TYR B 322 -19.86 -22.52 -4.57
C TYR B 322 -19.60 -21.08 -4.96
N ILE B 323 -20.65 -20.38 -5.39
CA ILE B 323 -20.55 -18.96 -5.73
C ILE B 323 -21.15 -18.14 -4.58
N ARG B 324 -20.29 -17.34 -3.96
CA ARG B 324 -20.62 -16.56 -2.76
C ARG B 324 -21.29 -15.25 -3.13
N THR B 325 -21.86 -14.56 -2.14
CA THR B 325 -22.50 -13.26 -2.34
C THR B 325 -21.75 -12.21 -3.15
N ASP B 326 -20.46 -12.05 -2.89
CA ASP B 326 -19.66 -11.06 -3.61
C ASP B 326 -19.35 -11.46 -5.07
N GLY B 327 -19.72 -12.69 -5.45
CA GLY B 327 -19.50 -13.18 -6.80
C GLY B 327 -18.30 -14.09 -6.94
N SER B 328 -17.52 -14.25 -5.87
CA SER B 328 -16.37 -15.16 -5.91
C SER B 328 -16.79 -16.62 -5.89
N ILE B 330 -15.78 -19.85 -4.66
CA ILE B 330 -14.87 -20.30 -3.63
C ILE B 330 -14.56 -21.77 -3.85
N HIS B 331 -13.29 -22.05 -4.06
CA HIS B 331 -12.75 -23.40 -4.25
C HIS B 331 -11.29 -23.44 -3.78
N ASP B 332 -10.84 -24.63 -3.42
CA ASP B 332 -9.45 -24.82 -3.01
C ASP B 332 -8.45 -24.38 -4.11
N TYR B 334 -4.06 -24.34 -5.03
CA TYR B 334 -2.90 -25.22 -4.86
CA TYR B 334 -2.90 -25.20 -4.78
C TYR B 334 -1.63 -24.40 -4.84
N LEU B 335 -0.80 -24.59 -3.82
CA LEU B 335 0.55 -24.01 -3.79
C LEU B 335 1.44 -25.09 -4.39
N GLU B 337 5.25 -26.26 -6.43
CA GLU B 337 6.63 -25.98 -6.69
C GLU B 337 6.94 -26.59 -8.04
N VAL B 338 7.61 -25.83 -8.88
CA VAL B 338 7.99 -26.30 -10.21
C VAL B 338 9.12 -27.33 -10.14
N LYS B 339 8.90 -28.45 -10.86
CA LYS B 339 9.84 -29.58 -10.83
C LYS B 339 11.23 -29.26 -11.39
N LYS B 340 12.23 -29.95 -10.86
CA LYS B 340 13.53 -30.11 -11.54
C LYS B 340 13.33 -30.95 -12.80
N PRO B 341 14.14 -30.69 -13.85
CA PRO B 341 14.05 -31.54 -15.04
C PRO B 341 14.02 -33.05 -14.72
N SER B 342 14.87 -33.47 -13.79
CA SER B 342 15.00 -34.91 -13.43
C SER B 342 13.77 -35.50 -12.74
N GLU B 343 12.89 -34.64 -12.25
CA GLU B 343 11.67 -35.08 -11.60
C GLU B 343 10.48 -35.19 -12.56
N SER B 344 10.62 -34.67 -13.77
CA SER B 344 9.51 -34.59 -14.75
C SER B 344 9.51 -35.88 -15.56
N LYS B 345 8.39 -36.60 -15.49
CA LYS B 345 8.29 -37.98 -15.95
C LYS B 345 7.58 -38.17 -17.28
N GLU B 346 6.93 -37.14 -17.77
CA GLU B 346 6.34 -37.14 -19.11
C GLU B 346 6.16 -35.69 -19.54
N PRO B 347 5.80 -35.46 -20.82
CA PRO B 347 5.68 -34.06 -21.21
C PRO B 347 4.60 -33.36 -20.39
N TRP B 348 4.87 -32.11 -20.07
CA TRP B 348 4.00 -31.26 -19.24
C TRP B 348 3.89 -31.64 -17.76
N ASP B 349 4.70 -32.57 -17.30
CA ASP B 349 4.78 -32.92 -15.86
C ASP B 349 5.68 -31.93 -15.14
N TYR B 350 5.06 -30.84 -14.67
CA TYR B 350 5.79 -29.69 -14.14
C TYR B 350 5.68 -29.42 -12.68
N TYR B 351 4.69 -29.98 -11.99
CA TYR B 351 4.32 -29.52 -10.65
CA TYR B 351 4.39 -29.48 -10.64
C TYR B 351 4.49 -30.53 -9.55
N LYS B 352 4.96 -30.07 -8.40
CA LYS B 352 4.83 -30.79 -7.14
C LYS B 352 3.84 -29.98 -6.24
N VAL B 353 2.86 -30.63 -5.65
CA VAL B 353 1.95 -29.93 -4.75
C VAL B 353 2.59 -29.74 -3.39
N VAL B 354 2.76 -28.50 -2.98
CA VAL B 354 3.33 -28.19 -1.67
C VAL B 354 2.20 -28.17 -0.61
N ALA B 355 1.06 -27.59 -1.00
CA ALA B 355 -0.06 -27.45 -0.06
C ALA B 355 -1.36 -27.22 -0.80
N THR B 356 -2.43 -27.69 -0.20
CA THR B 356 -3.78 -27.32 -0.65
C THR B 356 -4.25 -26.21 0.24
N ILE B 357 -4.64 -25.07 -0.33
CA ILE B 357 -5.17 -23.94 0.43
C ILE B 357 -6.70 -23.95 0.39
N PRO B 358 -7.34 -24.07 1.55
CA PRO B 358 -8.79 -24.08 1.52
C PRO B 358 -9.30 -22.78 0.95
N GLY B 359 -10.36 -22.86 0.16
CA GLY B 359 -10.89 -21.69 -0.55
C GLY B 359 -11.20 -20.55 0.38
N GLU B 360 -11.75 -20.86 1.56
CA GLU B 360 -12.10 -19.83 2.53
C GLU B 360 -10.88 -19.05 3.01
N GLN B 361 -9.72 -19.69 3.00
CA GLN B 361 -8.49 -19.01 3.38
C GLN B 361 -7.84 -18.27 2.22
N ALA B 362 -8.14 -18.69 0.99
CA ALA B 362 -7.46 -18.14 -0.19
C ALA B 362 -8.07 -16.81 -0.60
N PHE B 363 -9.38 -16.66 -0.41
CA PHE B 363 -10.11 -15.52 -0.98
C PHE B 363 -10.40 -14.47 0.07
N THR B 364 -10.75 -13.27 -0.41
CA THR B 364 -11.10 -12.14 0.49
C THR B 364 -12.09 -12.61 1.54
N THR B 365 -11.84 -12.30 2.80
CA THR B 365 -12.82 -12.61 3.84
C THR B 365 -13.87 -11.51 3.99
N LYS B 366 -14.99 -11.82 4.63
CA LYS B 366 -16.04 -10.81 4.86
C LYS B 366 -15.49 -9.63 5.67
N GLN B 367 -14.62 -9.90 6.63
CA GLN B 367 -14.00 -8.84 7.45
C GLN B 367 -13.20 -7.86 6.61
N GLU B 368 -12.60 -8.33 5.51
CA GLU B 368 -11.72 -7.48 4.71
C GLU B 368 -12.29 -7.04 3.36
N THR B 369 -13.52 -7.45 3.06
CA THR B 369 -14.16 -7.11 1.80
C THR B 369 -14.34 -5.62 1.56
N ARG B 370 -14.23 -5.21 0.30
CA ARG B 370 -14.65 -3.86 -0.12
C ARG B 370 -15.88 -3.94 -1.03
N CYS B 371 -16.57 -5.08 -0.96
CA CYS B 371 -17.81 -5.23 -1.69
C CYS B 371 -18.98 -4.68 -0.86
N ALA B 372 -19.51 -3.55 -1.31
CA ALA B 372 -20.63 -2.88 -0.62
C ALA B 372 -21.91 -3.71 -0.70
N LEU B 373 -21.98 -4.66 -1.61
CA LEU B 373 -23.13 -5.53 -1.73
C LEU B 373 -23.05 -6.74 -0.78
N TRP B 374 -21.94 -6.91 -0.08
CA TRP B 374 -21.82 -8.04 0.84
C TRP B 374 -21.98 -7.51 2.26
N LYS B 375 -23.25 -7.39 2.67
CA LYS B 375 -23.60 -6.88 3.99
C LYS B 375 -23.65 -8.04 5.00
#